data_5Z24
#
_entry.id   5Z24
#
_cell.length_a   50.821
_cell.length_b   74.886
_cell.length_c   403.652
_cell.angle_alpha   90.00
_cell.angle_beta   90.00
_cell.angle_gamma   90.00
#
_symmetry.space_group_name_H-M   'P 21 21 21'
#
loop_
_entity.id
_entity.type
_entity.pdbx_description
1 polymer 'Pilus assembly protein'
2 water water
#
_entity_poly.entity_id   1
_entity_poly.type   'polypeptide(L)'
_entity_poly.pdbx_seq_one_letter_code
;MGRDPNSTTTVDFTLHKIEQTSDEQIQNTGHDLGLTGRKPVQGAQFKIFNVTDAFYQLLENHDKTTAASMISQNLGQYVN
LQDPNAATVTTDADGLAAFKGLAAKTNGRHSVYAFHEAVTPQPYQKAADMIVSLPVRQDDGSDLTNIHLYPKDSLVTKNL
TEINEQAVATKDLHDVAVGDVLTYQVQFQIPHDIGALADHSQDTFKYNQFKVLDYMTKEGLTFKALTAITVDGQDILKAL
TGKMAFMSSNDAAWQQTHNYPFGFELDFLGGTDPDAVRNLLTQYAGKRVTVAYTGIVNEKMIPDQKVGNTAEVSFDPDSK
ITVNGPEIQTGGIRFFAHEAGSSKSLANATFILQRMNGNVREYAVLEGVNGMAGTYQPTKITWTTNQDAATRLKTSGAET
ANLTIQGLLPGRYTLVETAAPEGYEILDPTTDFEVIAGTWGTKTIRIANTPVNQLLPLEHHHHHH
;
_entity_poly.pdbx_strand_id   A,B
#
# COMPACT_ATOMS: atom_id res chain seq x y z
N THR A 9 -1.45 85.62 10.12
CA THR A 9 -2.77 84.93 10.28
C THR A 9 -2.81 83.60 9.55
N THR A 10 -3.63 82.69 10.09
CA THR A 10 -3.56 81.26 9.72
C THR A 10 -4.90 80.68 9.26
N VAL A 11 -4.81 79.47 8.74
CA VAL A 11 -5.94 78.70 8.22
C VAL A 11 -5.82 77.22 8.67
N ASP A 12 -6.97 76.55 8.87
CA ASP A 12 -7.04 75.10 9.19
C ASP A 12 -7.60 74.29 8.01
N PHE A 13 -7.07 73.08 7.81
CA PHE A 13 -7.60 72.12 6.83
C PHE A 13 -8.11 70.88 7.56
N THR A 14 -9.41 70.61 7.54
CA THR A 14 -9.95 69.33 8.06
C THR A 14 -10.27 68.39 6.89
N LEU A 15 -9.59 67.25 6.83
CA LEU A 15 -9.76 66.26 5.76
C LEU A 15 -10.79 65.19 6.14
N HIS A 16 -11.58 64.77 5.14
CA HIS A 16 -12.58 63.71 5.30
C HIS A 16 -12.29 62.60 4.26
N LYS A 17 -11.49 61.62 4.67
CA LYS A 17 -11.15 60.48 3.81
C LYS A 17 -12.36 59.59 3.62
N ILE A 18 -12.61 59.20 2.37
CA ILE A 18 -13.82 58.45 1.98
C ILE A 18 -13.56 57.43 0.85
N GLU A 19 -14.34 56.36 0.87
CA GLU A 19 -14.18 55.23 -0.04
C GLU A 19 -14.80 55.58 -1.38
N GLN A 20 -14.15 55.12 -2.45
CA GLN A 20 -14.64 55.29 -3.82
C GLN A 20 -14.72 53.93 -4.52
N THR A 21 -15.88 53.60 -5.08
CA THR A 21 -16.09 52.33 -5.82
C THR A 21 -16.53 52.55 -7.27
N SER A 22 -16.45 53.81 -7.74
CA SER A 22 -16.90 54.19 -9.09
C SER A 22 -16.26 55.49 -9.54
N ASP A 23 -16.51 55.85 -10.80
CA ASP A 23 -16.00 57.10 -11.37
C ASP A 23 -16.89 58.25 -10.87
N GLU A 24 -16.29 59.35 -10.41
CA GLU A 24 -17.05 60.46 -9.81
C GLU A 24 -16.25 61.76 -9.67
N GLN A 25 -16.24 62.58 -10.73
CA GLN A 25 -15.77 63.98 -10.58
C GLN A 25 -16.81 64.75 -9.78
N ILE A 26 -16.53 64.95 -8.48
CA ILE A 26 -17.31 65.88 -7.63
C ILE A 26 -16.37 66.93 -6.99
N GLN A 27 -16.70 68.20 -7.21
CA GLN A 27 -15.81 69.32 -6.89
C GLN A 27 -15.75 69.60 -5.40
N ASN A 28 -14.55 69.93 -4.91
CA ASN A 28 -14.39 70.38 -3.53
C ASN A 28 -14.74 71.87 -3.48
N THR A 29 -15.83 72.21 -2.78
CA THR A 29 -16.12 73.62 -2.42
C THR A 29 -15.08 74.15 -1.42
N GLY A 30 -14.64 73.33 -0.47
CA GLY A 30 -13.91 73.83 0.71
C GLY A 30 -14.82 74.04 1.91
N HIS A 31 -16.14 74.01 1.69
CA HIS A 31 -17.14 74.14 2.74
C HIS A 31 -17.46 72.77 3.34
N ASP A 32 -17.94 72.80 4.58
CA ASP A 32 -18.27 71.61 5.36
C ASP A 32 -19.59 71.02 4.86
N LEU A 33 -19.54 69.79 4.35
CA LEU A 33 -20.70 69.15 3.72
C LEU A 33 -21.56 68.32 4.69
N GLY A 34 -21.15 68.22 5.96
CA GLY A 34 -21.95 67.52 6.98
C GLY A 34 -22.02 66.03 6.74
N LEU A 35 -23.12 65.40 7.22
CA LEU A 35 -23.38 63.97 6.99
C LEU A 35 -23.63 63.68 5.50
N THR A 36 -22.57 63.28 4.80
CA THR A 36 -22.66 62.89 3.38
C THR A 36 -23.11 61.43 3.18
N GLY A 37 -23.06 60.61 4.23
CA GLY A 37 -23.52 59.22 4.16
C GLY A 37 -22.62 58.35 3.30
N ARG A 38 -21.31 58.50 3.47
CA ARG A 38 -20.31 57.77 2.70
C ARG A 38 -19.36 57.05 3.64
N LYS A 39 -18.83 55.91 3.18
CA LYS A 39 -18.02 55.10 4.06
C LYS A 39 -16.70 55.80 4.27
N PRO A 40 -16.33 56.07 5.53
CA PRO A 40 -15.03 56.65 5.82
C PRO A 40 -13.93 55.61 5.73
N VAL A 41 -12.71 56.06 5.52
CA VAL A 41 -11.54 55.19 5.46
C VAL A 41 -10.59 55.62 6.57
N GLN A 42 -10.13 54.66 7.38
CA GLN A 42 -9.24 54.93 8.52
C GLN A 42 -7.81 54.54 8.18
N GLY A 43 -6.85 55.13 8.89
CA GLY A 43 -5.45 54.80 8.72
C GLY A 43 -4.73 55.32 7.47
N ALA A 44 -5.30 56.30 6.80
CA ALA A 44 -4.61 57.00 5.72
C ALA A 44 -3.71 58.07 6.33
N GLN A 45 -2.40 57.97 6.09
CA GLN A 45 -1.41 58.95 6.59
C GLN A 45 -1.21 60.09 5.58
N PHE A 46 -1.55 61.33 5.96
CA PHE A 46 -1.42 62.50 5.08
C PHE A 46 -0.29 63.42 5.53
N LYS A 47 0.49 63.87 4.56
CA LYS A 47 1.52 64.90 4.74
C LYS A 47 1.13 66.16 3.97
N ILE A 48 1.47 67.32 4.53
CA ILE A 48 1.19 68.64 3.90
C ILE A 48 2.51 69.34 3.58
N PHE A 49 2.54 70.02 2.43
CA PHE A 49 3.73 70.80 2.03
C PHE A 49 3.30 72.20 1.55
N ASN A 50 4.05 73.23 1.97
CA ASN A 50 3.89 74.60 1.44
C ASN A 50 4.62 74.66 0.09
N VAL A 51 3.83 74.83 -0.97
CA VAL A 51 4.35 74.87 -2.35
C VAL A 51 4.22 76.27 -2.98
N THR A 52 4.01 77.29 -2.14
CA THR A 52 3.69 78.64 -2.62
C THR A 52 4.76 79.18 -3.56
N ASP A 53 6.02 79.13 -3.12
CA ASP A 53 7.15 79.55 -3.94
C ASP A 53 7.26 78.78 -5.27
N ALA A 54 7.22 77.45 -5.20
CA ALA A 54 7.36 76.63 -6.40
C ALA A 54 6.23 76.90 -7.40
N PHE A 55 5.01 77.06 -6.88
CA PHE A 55 3.80 77.36 -7.69
C PHE A 55 3.94 78.68 -8.46
N TYR A 56 4.30 79.75 -7.75
CA TYR A 56 4.43 81.06 -8.38
C TYR A 56 5.60 81.10 -9.39
N GLN A 57 6.66 80.33 -9.16
CA GLN A 57 7.73 80.18 -10.16
C GLN A 57 7.23 79.57 -11.49
N LEU A 58 6.43 78.52 -11.39
CA LEU A 58 5.78 77.91 -12.57
C LEU A 58 4.82 78.87 -13.25
N LEU A 59 4.15 79.67 -12.43
CA LEU A 59 3.12 80.60 -12.88
C LEU A 59 3.64 81.70 -13.84
N GLU A 60 4.96 81.81 -13.96
CA GLU A 60 5.59 82.68 -14.96
C GLU A 60 5.49 82.13 -16.37
N ASN A 61 5.56 80.81 -16.52
CA ASN A 61 5.47 80.19 -17.85
C ASN A 61 4.16 79.46 -18.14
N HIS A 62 3.39 79.13 -17.10
CA HIS A 62 2.17 78.35 -17.25
C HIS A 62 1.03 79.03 -16.52
N ASP A 63 -0.21 78.71 -16.95
CA ASP A 63 -1.39 79.24 -16.27
C ASP A 63 -1.64 78.52 -14.94
N LYS A 64 -2.63 79.00 -14.20
CA LYS A 64 -3.00 78.51 -12.89
C LYS A 64 -3.29 77.00 -12.87
N THR A 65 -4.08 76.53 -13.83
CA THR A 65 -4.44 75.11 -13.96
C THR A 65 -3.22 74.24 -14.20
N THR A 66 -2.45 74.59 -15.23
CA THR A 66 -1.26 73.82 -15.59
C THR A 66 -0.22 73.79 -14.46
N ALA A 67 -0.10 74.87 -13.69
CA ALA A 67 0.85 74.93 -12.57
C ALA A 67 0.50 73.90 -11.50
N ALA A 68 -0.75 73.92 -11.05
CA ALA A 68 -1.25 72.97 -10.03
C ALA A 68 -1.21 71.52 -10.54
N SER A 69 -1.51 71.33 -11.82
CA SER A 69 -1.40 70.04 -12.47
C SER A 69 0.04 69.49 -12.46
N MET A 70 1.01 70.34 -12.80
CA MET A 70 2.41 69.91 -12.80
C MET A 70 2.89 69.45 -11.41
N ILE A 71 2.44 70.14 -10.36
CA ILE A 71 2.80 69.78 -8.98
C ILE A 71 2.08 68.49 -8.52
N SER A 72 0.82 68.29 -8.94
CA SER A 72 0.08 67.03 -8.65
C SER A 72 0.75 65.80 -9.25
N GLN A 73 1.19 65.94 -10.51
CA GLN A 73 1.83 64.87 -11.28
C GLN A 73 3.21 64.49 -10.76
N ASN A 74 3.98 65.44 -10.22
CA ASN A 74 5.30 65.13 -9.70
C ASN A 74 5.59 65.90 -8.41
N LEU A 75 4.80 65.70 -7.36
CA LEU A 75 5.04 66.44 -6.10
C LEU A 75 6.45 66.29 -5.52
N GLY A 76 7.02 65.08 -5.63
CA GLY A 76 8.37 64.78 -5.13
C GLY A 76 9.51 65.44 -5.89
N GLN A 77 9.22 65.90 -7.11
CA GLN A 77 10.10 66.79 -7.86
C GLN A 77 10.22 68.18 -7.19
N TYR A 78 9.10 68.72 -6.73
CA TYR A 78 9.05 70.06 -6.15
C TYR A 78 9.30 70.12 -4.63
N VAL A 79 9.10 69.02 -3.91
CA VAL A 79 9.39 68.98 -2.46
C VAL A 79 10.12 67.69 -2.09
N ASN A 80 10.80 67.72 -0.94
CA ASN A 80 11.35 66.51 -0.34
C ASN A 80 10.24 65.77 0.41
N LEU A 81 9.74 64.70 -0.20
CA LEU A 81 8.62 63.95 0.35
C LEU A 81 8.89 63.37 1.76
N GLN A 82 10.14 63.00 2.02
CA GLN A 82 10.51 62.38 3.31
C GLN A 82 11.11 63.44 4.22
N ASP A 83 10.39 64.56 4.37
CA ASP A 83 10.83 65.66 5.21
C ASP A 83 10.35 65.42 6.63
N PRO A 84 11.27 65.39 7.62
CA PRO A 84 10.86 65.24 9.02
C PRO A 84 9.99 66.40 9.57
N ASN A 85 10.25 67.62 9.10
CA ASN A 85 9.45 68.79 9.48
C ASN A 85 8.00 68.69 8.99
N ALA A 86 7.80 68.19 7.77
CA ALA A 86 6.47 68.12 7.12
C ALA A 86 5.42 67.55 8.07
N ALA A 87 4.39 68.33 8.36
CA ALA A 87 3.35 67.92 9.31
C ALA A 87 2.63 66.70 8.78
N THR A 88 2.43 65.71 9.65
CA THR A 88 1.84 64.42 9.30
C THR A 88 0.70 64.10 10.29
N VAL A 89 -0.51 63.88 9.75
CA VAL A 89 -1.65 63.43 10.55
C VAL A 89 -2.25 62.19 9.87
N THR A 90 -2.67 61.21 10.67
CA THR A 90 -3.27 59.97 10.16
C THR A 90 -4.78 60.00 10.40
N THR A 91 -5.52 59.42 9.47
CA THR A 91 -6.96 59.55 9.43
C THR A 91 -7.58 58.59 10.46
N ASP A 92 -8.55 59.07 11.24
CA ASP A 92 -9.13 58.29 12.34
C ASP A 92 -10.29 57.38 11.84
N ALA A 93 -11.06 56.81 12.78
CA ALA A 93 -12.19 55.93 12.43
C ALA A 93 -13.35 56.62 11.69
N ASP A 94 -13.51 57.93 11.86
CA ASP A 94 -14.49 58.72 11.08
C ASP A 94 -13.91 59.27 9.77
N GLY A 95 -12.68 58.89 9.44
CA GLY A 95 -12.00 59.41 8.27
C GLY A 95 -11.47 60.83 8.44
N LEU A 96 -11.26 61.26 9.69
CA LEU A 96 -10.89 62.65 10.05
C LEU A 96 -9.38 62.85 10.27
N ALA A 97 -8.82 63.92 9.69
CA ALA A 97 -7.41 64.30 9.86
C ALA A 97 -7.25 65.80 9.69
N ALA A 98 -7.11 66.52 10.80
CA ALA A 98 -7.03 67.98 10.78
C ALA A 98 -5.58 68.49 10.83
N PHE A 99 -5.18 69.31 9.85
CA PHE A 99 -3.93 70.09 9.88
C PHE A 99 -4.24 71.51 10.33
N LYS A 100 -3.78 71.91 11.52
CA LYS A 100 -4.16 73.21 12.10
C LYS A 100 -3.05 74.28 12.06
N GLY A 101 -3.47 75.54 11.98
CA GLY A 101 -2.60 76.72 12.14
C GLY A 101 -1.58 76.98 11.04
N LEU A 102 -1.98 76.87 9.78
CA LEU A 102 -1.10 77.12 8.63
C LEU A 102 -1.13 78.54 8.12
N ALA A 103 0.03 79.08 7.77
CA ALA A 103 0.16 80.46 7.32
C ALA A 103 -0.72 80.77 6.10
N ALA A 104 -1.66 81.71 6.26
CA ALA A 104 -2.51 82.16 5.15
C ALA A 104 -1.73 82.80 3.99
N LYS A 105 -0.57 83.37 4.30
CA LYS A 105 0.30 84.01 3.30
C LYS A 105 1.75 83.54 3.47
N THR A 106 2.47 83.47 2.34
CA THR A 106 3.86 82.99 2.27
C THR A 106 4.67 83.87 1.30
N ASN A 107 5.65 84.59 1.85
CA ASN A 107 6.49 85.53 1.07
C ASN A 107 5.62 86.48 0.24
N GLY A 108 4.61 87.09 0.87
CA GLY A 108 3.74 88.07 0.24
C GLY A 108 2.63 87.61 -0.69
N ARG A 109 2.47 86.29 -0.85
CA ARG A 109 1.42 85.71 -1.68
C ARG A 109 0.47 84.91 -0.81
N HIS A 110 -0.79 84.74 -1.25
CA HIS A 110 -1.67 83.80 -0.57
C HIS A 110 -1.05 82.42 -0.74
N SER A 111 -1.03 81.65 0.37
CA SER A 111 -0.32 80.36 0.42
C SER A 111 -0.93 79.30 -0.51
N VAL A 112 -0.05 78.45 -1.02
CA VAL A 112 -0.47 77.26 -1.74
C VAL A 112 0.03 76.00 -0.98
N TYR A 113 -0.92 75.12 -0.65
CA TYR A 113 -0.61 73.88 0.07
C TYR A 113 -0.91 72.65 -0.79
N ALA A 114 0.02 71.68 -0.73
CA ALA A 114 -0.10 70.39 -1.40
C ALA A 114 -0.31 69.28 -0.36
N PHE A 115 -1.19 68.32 -0.66
CA PHE A 115 -1.53 67.21 0.24
C PHE A 115 -1.19 65.86 -0.41
N HIS A 116 -0.50 65.00 0.33
CA HIS A 116 0.04 63.73 -0.19
C HIS A 116 -0.27 62.59 0.78
N GLU A 117 -1.05 61.62 0.31
CA GLU A 117 -1.32 60.40 1.09
C GLU A 117 -0.06 59.52 1.08
N ALA A 118 0.64 59.45 2.22
CA ALA A 118 1.93 58.75 2.34
C ALA A 118 1.79 57.25 2.64
N VAL A 119 0.73 56.86 3.35
CA VAL A 119 0.44 55.46 3.59
C VAL A 119 -1.06 55.25 3.37
N THR A 120 -1.38 54.29 2.50
CA THR A 120 -2.75 54.00 2.11
C THR A 120 -3.16 52.64 2.65
N PRO A 121 -4.26 52.59 3.43
CA PRO A 121 -4.68 51.30 4.02
C PRO A 121 -5.09 50.29 2.96
N GLN A 122 -4.94 48.99 3.27
CA GLN A 122 -5.41 47.89 2.42
C GLN A 122 -6.93 47.81 2.52
N PRO A 123 -7.64 47.53 1.42
CA PRO A 123 -7.10 47.31 0.08
C PRO A 123 -7.42 48.49 -0.84
N TYR A 124 -7.01 49.69 -0.41
CA TYR A 124 -7.31 50.92 -1.15
C TYR A 124 -6.16 51.39 -2.01
N GLN A 125 -6.50 52.11 -3.08
CA GLN A 125 -5.54 52.95 -3.82
C GLN A 125 -5.62 54.39 -3.34
N LYS A 126 -4.46 55.03 -3.29
CA LYS A 126 -4.31 56.40 -2.75
C LYS A 126 -5.13 57.45 -3.51
N ALA A 127 -5.53 58.51 -2.78
CA ALA A 127 -6.05 59.74 -3.40
C ALA A 127 -4.98 60.47 -4.21
N ALA A 128 -5.38 61.09 -5.32
CA ALA A 128 -4.53 62.05 -6.04
C ALA A 128 -4.00 63.14 -5.10
N ASP A 129 -2.74 63.53 -5.32
CA ASP A 129 -2.13 64.60 -4.55
C ASP A 129 -2.86 65.90 -4.91
N MET A 130 -3.56 66.48 -3.94
CA MET A 130 -4.39 67.67 -4.18
C MET A 130 -3.68 68.98 -3.78
N ILE A 131 -4.01 70.02 -4.54
CA ILE A 131 -3.40 71.35 -4.41
C ILE A 131 -4.51 72.33 -4.06
N VAL A 132 -4.30 73.11 -3.00
CA VAL A 132 -5.22 74.19 -2.62
C VAL A 132 -4.47 75.52 -2.66
N SER A 133 -5.00 76.47 -3.43
CA SER A 133 -4.50 77.85 -3.47
C SER A 133 -5.47 78.80 -2.76
N LEU A 134 -4.99 79.42 -1.69
CA LEU A 134 -5.78 80.39 -0.95
C LEU A 134 -5.94 81.70 -1.77
N PRO A 135 -6.96 82.49 -1.48
CA PRO A 135 -7.99 82.21 -0.47
C PRO A 135 -9.10 81.33 -1.04
N VAL A 136 -9.85 80.69 -0.16
CA VAL A 136 -11.14 80.15 -0.55
C VAL A 136 -12.14 81.09 0.10
N ARG A 137 -12.86 81.81 -0.73
CA ARG A 137 -13.67 82.93 -0.25
C ARG A 137 -15.14 82.54 -0.27
N GLN A 138 -15.83 82.88 0.81
CA GLN A 138 -17.28 82.67 0.93
C GLN A 138 -18.04 83.66 0.05
N ASP A 139 -19.24 83.25 -0.36
CA ASP A 139 -20.11 84.09 -1.18
C ASP A 139 -20.50 85.44 -0.53
N ASP A 140 -20.36 85.56 0.80
CA ASP A 140 -20.50 86.86 1.49
C ASP A 140 -19.24 87.76 1.46
N GLY A 141 -18.20 87.36 0.70
CA GLY A 141 -16.99 88.17 0.54
C GLY A 141 -16.16 88.20 1.80
N SER A 142 -15.84 87.00 2.27
CA SER A 142 -15.15 86.79 3.55
C SER A 142 -14.41 85.45 3.43
N ASP A 143 -13.17 85.36 3.93
CA ASP A 143 -12.36 84.14 3.76
C ASP A 143 -12.74 83.04 4.76
N LEU A 144 -12.75 81.77 4.32
CA LEU A 144 -12.85 80.65 5.25
C LEU A 144 -11.55 80.48 6.04
N THR A 145 -11.70 80.29 7.35
CA THR A 145 -10.58 79.96 8.24
C THR A 145 -10.44 78.44 8.42
N ASN A 146 -11.53 77.67 8.22
CA ASN A 146 -11.48 76.20 8.19
C ASN A 146 -11.94 75.67 6.84
N ILE A 147 -11.03 74.99 6.15
CA ILE A 147 -11.22 74.51 4.78
C ILE A 147 -11.39 72.97 4.82
N HIS A 148 -12.58 72.51 4.39
CA HIS A 148 -12.95 71.09 4.43
C HIS A 148 -12.70 70.40 3.08
N LEU A 149 -11.84 69.38 3.09
CA LEU A 149 -11.54 68.56 1.90
C LEU A 149 -12.05 67.11 2.02
N TYR A 150 -12.49 66.54 0.89
CA TYR A 150 -13.02 65.17 0.81
C TYR A 150 -12.22 64.27 -0.17
N PRO A 151 -10.97 63.93 0.18
CA PRO A 151 -10.15 63.08 -0.71
C PRO A 151 -10.67 61.64 -0.75
N LYS A 152 -10.41 60.95 -1.85
CA LYS A 152 -11.05 59.67 -2.15
C LYS A 152 -10.06 58.54 -2.33
N ASP A 153 -10.33 57.42 -1.65
CA ASP A 153 -9.55 56.18 -1.78
C ASP A 153 -10.35 55.18 -2.60
N SER A 154 -9.81 54.76 -3.74
CA SER A 154 -10.48 53.77 -4.60
C SER A 154 -10.27 52.34 -4.07
N LEU A 155 -11.37 51.67 -3.74
CA LEU A 155 -11.35 50.31 -3.17
C LEU A 155 -11.10 49.23 -4.22
N VAL A 156 -10.03 48.44 -4.07
CA VAL A 156 -9.80 47.30 -4.94
C VAL A 156 -10.76 46.20 -4.50
N THR A 157 -11.46 45.58 -5.44
CA THR A 157 -12.41 44.52 -5.14
C THR A 157 -12.35 43.31 -6.08
N LYS A 158 -12.76 42.16 -5.54
CA LYS A 158 -12.93 40.92 -6.32
C LYS A 158 -14.22 40.25 -5.92
N ASN A 159 -15.10 39.98 -6.89
CA ASN A 159 -16.31 39.21 -6.66
C ASN A 159 -16.48 38.05 -7.64
N LEU A 160 -17.30 37.07 -7.25
CA LEU A 160 -17.81 36.07 -8.17
C LEU A 160 -19.14 36.61 -8.64
N THR A 161 -19.26 36.85 -9.95
CA THR A 161 -20.42 37.56 -10.53
C THR A 161 -21.44 36.67 -11.22
N GLU A 162 -21.00 35.59 -11.87
CA GLU A 162 -21.93 34.66 -12.54
C GLU A 162 -21.55 33.19 -12.37
N ILE A 163 -22.55 32.30 -12.48
CA ILE A 163 -22.34 30.85 -12.54
C ILE A 163 -23.14 30.35 -13.72
N ASN A 164 -22.45 29.68 -14.64
CA ASN A 164 -23.05 29.25 -15.92
C ASN A 164 -23.77 30.41 -16.61
N GLU A 165 -23.08 31.55 -16.71
CA GLU A 165 -23.56 32.77 -17.36
C GLU A 165 -24.87 33.40 -16.81
N GLN A 166 -25.26 33.03 -15.59
CA GLN A 166 -26.40 33.64 -14.90
C GLN A 166 -25.88 34.41 -13.71
N ALA A 167 -26.38 35.62 -13.51
CA ALA A 167 -25.99 36.44 -12.36
C ALA A 167 -26.33 35.71 -11.05
N VAL A 168 -25.42 35.76 -10.08
CA VAL A 168 -25.64 35.23 -8.74
C VAL A 168 -25.55 36.36 -7.76
N ALA A 169 -26.29 36.27 -6.67
CA ALA A 169 -26.19 37.24 -5.58
C ALA A 169 -24.83 37.08 -4.94
N THR A 170 -24.21 38.21 -4.58
CA THR A 170 -22.85 38.17 -4.05
C THR A 170 -22.86 37.72 -2.58
N LYS A 171 -21.94 36.81 -2.27
CA LYS A 171 -21.77 36.31 -0.91
C LYS A 171 -20.37 35.70 -0.76
N ASP A 172 -20.01 35.37 0.48
CA ASP A 172 -18.67 34.89 0.77
C ASP A 172 -18.46 33.41 0.42
N LEU A 173 -19.53 32.64 0.36
CA LEU A 173 -19.45 31.19 0.12
C LEU A 173 -20.49 30.74 -0.90
N HIS A 174 -20.02 30.07 -1.96
CA HIS A 174 -20.90 29.52 -2.99
C HIS A 174 -20.84 27.99 -3.06
N ASP A 175 -21.96 27.35 -3.33
CA ASP A 175 -22.00 25.91 -3.61
C ASP A 175 -21.96 25.70 -5.11
N VAL A 176 -21.01 24.90 -5.58
CA VAL A 176 -20.86 24.62 -7.00
C VAL A 176 -21.00 23.13 -7.30
N ALA A 177 -21.36 22.88 -8.55
CA ALA A 177 -21.38 21.54 -9.14
C ALA A 177 -20.16 21.39 -10.05
N VAL A 178 -19.68 20.16 -10.19
CA VAL A 178 -18.55 19.88 -11.06
C VAL A 178 -18.95 20.19 -12.52
N GLY A 179 -18.05 20.85 -13.25
CA GLY A 179 -18.31 21.35 -14.60
C GLY A 179 -19.01 22.71 -14.69
N ASP A 180 -19.26 23.36 -13.55
CA ASP A 180 -19.82 24.72 -13.56
C ASP A 180 -18.78 25.71 -14.09
N VAL A 181 -19.22 26.69 -14.88
CA VAL A 181 -18.38 27.82 -15.29
C VAL A 181 -18.62 29.01 -14.35
N LEU A 182 -17.56 29.50 -13.74
CA LEU A 182 -17.63 30.60 -12.80
C LEU A 182 -17.02 31.88 -13.41
N THR A 183 -17.78 32.98 -13.40
CA THR A 183 -17.25 34.30 -13.83
C THR A 183 -16.84 35.14 -12.63
N TYR A 184 -15.59 35.58 -12.62
CA TYR A 184 -15.05 36.45 -11.59
C TYR A 184 -14.79 37.86 -12.20
N GLN A 185 -14.69 38.88 -11.34
CA GLN A 185 -14.37 40.25 -11.76
C GLN A 185 -13.45 40.92 -10.76
N VAL A 186 -12.29 41.38 -11.22
CA VAL A 186 -11.40 42.17 -10.39
C VAL A 186 -11.45 43.63 -10.84
N GLN A 187 -11.66 44.53 -9.88
CA GLN A 187 -11.76 45.96 -10.15
C GLN A 187 -10.67 46.74 -9.43
N PHE A 188 -10.15 47.76 -10.14
CA PHE A 188 -9.09 48.64 -9.63
C PHE A 188 -9.02 49.95 -10.45
N GLN A 189 -8.26 50.92 -9.94
CA GLN A 189 -8.18 52.28 -10.52
C GLN A 189 -6.92 52.42 -11.37
N ILE A 190 -7.04 53.02 -12.56
CA ILE A 190 -5.87 53.48 -13.32
C ILE A 190 -5.34 54.70 -12.57
N PRO A 191 -4.03 54.72 -12.20
CA PRO A 191 -3.49 55.88 -11.49
C PRO A 191 -3.75 57.23 -12.16
N HIS A 192 -3.95 58.27 -11.34
CA HIS A 192 -4.16 59.65 -11.87
C HIS A 192 -2.93 60.17 -12.60
N ASP A 193 -1.77 59.62 -12.27
CA ASP A 193 -0.49 59.99 -12.87
C ASP A 193 0.17 58.87 -13.69
N ILE A 194 -0.63 58.00 -14.31
CA ILE A 194 -0.13 56.86 -15.11
C ILE A 194 0.90 57.24 -16.20
N GLY A 195 0.62 58.34 -16.89
CA GLY A 195 1.46 58.82 -18.00
C GLY A 195 2.60 59.75 -17.64
N ALA A 196 2.73 60.09 -16.36
CA ALA A 196 3.77 61.02 -15.91
C ALA A 196 5.15 60.39 -15.96
N LEU A 197 6.15 61.26 -16.08
CA LEU A 197 7.57 60.86 -16.08
C LEU A 197 8.04 60.81 -14.63
N ALA A 198 9.15 60.11 -14.40
CA ALA A 198 9.72 60.04 -13.05
C ALA A 198 10.17 61.43 -12.60
N ASP A 199 10.14 61.66 -11.29
CA ASP A 199 10.54 62.94 -10.70
C ASP A 199 11.99 63.24 -11.06
N HIS A 200 12.24 64.41 -11.64
CA HIS A 200 13.53 64.77 -12.25
C HIS A 200 13.98 63.74 -13.28
N SER A 201 13.29 63.68 -14.42
CA SER A 201 13.70 62.81 -15.53
C SER A 201 13.00 63.24 -16.82
N GLN A 202 13.79 63.34 -17.89
CA GLN A 202 13.28 63.60 -19.23
C GLN A 202 13.13 62.31 -20.04
N ASP A 203 13.70 61.19 -19.58
CA ASP A 203 13.82 59.95 -20.38
C ASP A 203 13.36 58.63 -19.71
N THR A 204 12.62 58.70 -18.58
CA THR A 204 12.05 57.50 -17.94
C THR A 204 10.68 57.77 -17.29
N PHE A 205 9.70 56.93 -17.62
CA PHE A 205 8.34 57.06 -17.09
C PHE A 205 8.26 56.68 -15.61
N LYS A 206 7.24 57.19 -14.94
CA LYS A 206 7.05 56.94 -13.51
C LYS A 206 6.55 55.52 -13.25
N TYR A 207 5.69 55.04 -14.13
CA TYR A 207 5.15 53.70 -14.03
C TYR A 207 5.76 52.81 -15.11
N ASN A 208 6.30 51.65 -14.69
CA ASN A 208 6.86 50.64 -15.61
C ASN A 208 6.33 49.20 -15.39
N GLN A 209 5.22 49.08 -14.66
CA GLN A 209 4.63 47.80 -14.28
C GLN A 209 3.23 48.08 -13.74
N PHE A 210 2.21 47.47 -14.33
CA PHE A 210 0.84 47.59 -13.85
C PHE A 210 0.30 46.16 -13.89
N LYS A 211 0.55 45.41 -12.81
CA LYS A 211 0.34 43.96 -12.76
C LYS A 211 -0.88 43.53 -11.93
N VAL A 212 -1.63 42.58 -12.48
CA VAL A 212 -2.71 41.89 -11.77
C VAL A 212 -2.39 40.39 -11.70
N LEU A 213 -2.11 39.91 -10.49
CA LEU A 213 -1.84 38.51 -10.19
C LEU A 213 -3.04 37.93 -9.42
N ASP A 214 -3.67 36.89 -9.96
CA ASP A 214 -4.83 36.23 -9.37
C ASP A 214 -4.64 34.71 -9.39
N TYR A 215 -4.83 34.05 -8.26
CA TYR A 215 -4.50 32.64 -8.12
C TYR A 215 -5.31 31.96 -7.03
N MET A 216 -5.31 30.62 -7.05
CA MET A 216 -5.81 29.79 -5.94
C MET A 216 -4.71 28.84 -5.50
N THR A 217 -4.54 28.70 -4.19
CA THR A 217 -3.53 27.81 -3.62
C THR A 217 -3.95 26.34 -3.70
N LYS A 218 -5.26 26.09 -3.58
CA LYS A 218 -5.82 24.74 -3.58
C LYS A 218 -6.46 24.40 -4.92
N GLU A 219 -6.58 23.09 -5.17
CA GLU A 219 -7.09 22.58 -6.45
C GLU A 219 -8.60 22.67 -6.49
N GLY A 220 -9.15 22.58 -7.71
CA GLY A 220 -10.59 22.68 -7.93
C GLY A 220 -11.05 23.34 -9.19
N LEU A 221 -10.27 24.31 -9.70
CA LEU A 221 -10.64 25.09 -10.89
C LEU A 221 -9.61 24.99 -11.98
N THR A 222 -10.06 25.00 -13.22
CA THR A 222 -9.20 25.10 -14.39
C THR A 222 -9.49 26.43 -15.08
N PHE A 223 -8.44 27.19 -15.43
CA PHE A 223 -8.63 28.47 -16.11
C PHE A 223 -9.28 28.22 -17.46
N LYS A 224 -10.34 28.97 -17.75
CA LYS A 224 -11.02 28.90 -19.04
C LYS A 224 -10.55 30.03 -19.96
N ALA A 225 -10.86 31.27 -19.59
CA ALA A 225 -10.64 32.40 -20.49
C ALA A 225 -10.67 33.73 -19.79
N LEU A 226 -9.91 34.70 -20.33
CA LEU A 226 -10.03 36.10 -19.95
C LEU A 226 -11.11 36.68 -20.87
N THR A 227 -12.21 37.13 -20.28
CA THR A 227 -13.42 37.43 -21.03
C THR A 227 -13.48 38.86 -21.50
N ALA A 228 -13.10 39.81 -20.65
CA ALA A 228 -13.08 41.24 -21.01
C ALA A 228 -12.22 42.08 -20.08
N ILE A 229 -11.78 43.22 -20.62
CA ILE A 229 -11.19 44.30 -19.83
C ILE A 229 -11.95 45.56 -20.25
N THR A 230 -12.60 46.23 -19.30
CA THR A 230 -13.42 47.39 -19.61
C THR A 230 -13.13 48.57 -18.69
N VAL A 231 -13.31 49.76 -19.24
CA VAL A 231 -13.22 51.00 -18.47
C VAL A 231 -14.03 52.05 -19.17
N ASP A 232 -14.73 52.89 -18.38
CA ASP A 232 -15.52 54.01 -18.93
C ASP A 232 -16.58 53.53 -19.95
N GLY A 233 -17.11 52.33 -19.74
CA GLY A 233 -18.05 51.71 -20.66
C GLY A 233 -17.50 51.37 -22.03
N GLN A 234 -16.18 51.09 -22.09
CA GLN A 234 -15.50 50.75 -23.35
C GLN A 234 -14.71 49.47 -23.15
N ASP A 235 -14.71 48.58 -24.15
CA ASP A 235 -13.91 47.35 -24.08
C ASP A 235 -12.49 47.56 -24.60
N ILE A 236 -11.54 47.44 -23.69
CA ILE A 236 -10.14 47.75 -23.90
C ILE A 236 -9.33 46.54 -24.37
N LEU A 237 -9.87 45.33 -24.15
CA LEU A 237 -9.10 44.07 -24.31
C LEU A 237 -8.60 43.87 -25.73
N LYS A 238 -9.46 44.08 -26.71
CA LYS A 238 -9.07 43.94 -28.13
C LYS A 238 -7.86 44.80 -28.46
N ALA A 239 -7.89 46.05 -28.00
CA ALA A 239 -6.78 47.00 -28.19
C ALA A 239 -5.48 46.54 -27.51
N LEU A 240 -5.57 45.99 -26.30
CA LEU A 240 -4.39 45.58 -25.53
C LEU A 240 -3.61 44.37 -26.02
N THR A 241 -4.33 43.40 -26.59
CA THR A 241 -3.77 42.04 -26.69
C THR A 241 -2.61 41.99 -27.69
N GLY A 242 -1.45 41.54 -27.21
CA GLY A 242 -0.19 41.62 -27.95
C GLY A 242 0.73 42.60 -27.26
N LYS A 243 0.20 43.78 -26.99
CA LYS A 243 0.97 44.88 -26.41
C LYS A 243 1.25 44.73 -24.89
N MET A 244 0.57 43.80 -24.23
CA MET A 244 0.75 43.58 -22.79
C MET A 244 1.08 42.11 -22.57
N ALA A 245 1.47 41.77 -21.33
CA ALA A 245 1.95 40.43 -20.98
C ALA A 245 0.89 39.58 -20.28
N PHE A 246 0.67 38.36 -20.78
CA PHE A 246 -0.34 37.48 -20.20
C PHE A 246 0.09 36.02 -20.08
N MET A 247 -0.24 35.47 -18.91
CA MET A 247 0.05 34.10 -18.53
C MET A 247 -1.20 33.51 -17.86
N SER A 248 -1.50 32.23 -18.08
CA SER A 248 -2.56 31.52 -17.32
C SER A 248 -2.00 30.21 -16.80
N SER A 249 -2.70 29.60 -15.85
CA SER A 249 -2.31 28.29 -15.36
C SER A 249 -2.31 27.20 -16.44
N ASN A 250 -3.01 27.41 -17.56
CA ASN A 250 -2.92 26.53 -18.75
C ASN A 250 -1.61 26.65 -19.54
N ASP A 251 -0.86 27.73 -19.35
CA ASP A 251 0.37 27.95 -20.10
C ASP A 251 1.56 27.36 -19.36
N ALA A 252 2.44 26.71 -20.12
CA ALA A 252 3.64 26.07 -19.56
C ALA A 252 4.56 27.06 -18.85
N ALA A 253 4.54 28.31 -19.28
CA ALA A 253 5.20 29.40 -18.58
C ALA A 253 4.85 29.46 -17.08
N TRP A 254 3.56 29.30 -16.75
CA TRP A 254 3.04 29.47 -15.37
C TRP A 254 3.76 28.67 -14.31
N GLN A 255 3.94 27.38 -14.57
CA GLN A 255 4.62 26.48 -13.63
C GLN A 255 6.11 26.78 -13.43
N GLN A 256 6.72 27.57 -14.33
CA GLN A 256 8.10 28.05 -14.14
C GLN A 256 8.21 29.05 -12.98
N THR A 257 7.32 30.04 -12.97
CA THR A 257 7.38 31.12 -11.98
C THR A 257 6.57 30.85 -10.72
N HIS A 258 5.33 30.36 -10.88
CA HIS A 258 4.47 30.01 -9.74
C HIS A 258 4.25 28.52 -9.70
N ASN A 259 3.77 28.07 -8.54
CA ASN A 259 3.32 26.69 -8.37
C ASN A 259 1.90 26.63 -7.81
N TYR A 260 1.07 27.63 -8.11
CA TYR A 260 -0.34 27.58 -7.75
C TYR A 260 -1.01 26.73 -8.82
N PRO A 261 -1.97 25.86 -8.45
CA PRO A 261 -2.68 25.07 -9.47
C PRO A 261 -3.69 25.83 -10.35
N PHE A 262 -3.95 27.10 -10.05
CA PHE A 262 -4.87 27.92 -10.84
C PHE A 262 -4.43 29.37 -10.77
N GLY A 263 -4.63 30.11 -11.86
CA GLY A 263 -4.41 31.56 -11.85
C GLY A 263 -4.05 32.20 -13.17
N PHE A 264 -3.80 33.51 -13.09
CA PHE A 264 -3.25 34.27 -14.20
C PHE A 264 -2.47 35.49 -13.70
N GLU A 265 -1.46 35.87 -14.47
CA GLU A 265 -0.71 37.12 -14.25
C GLU A 265 -0.80 37.95 -15.52
N LEU A 266 -1.30 39.16 -15.35
CA LEU A 266 -1.44 40.13 -16.43
C LEU A 266 -0.52 41.30 -16.06
N ASP A 267 0.19 41.85 -17.04
CA ASP A 267 0.92 43.14 -16.86
C ASP A 267 0.72 44.04 -18.05
N PHE A 268 -0.04 45.12 -17.86
CA PHE A 268 -0.28 46.12 -18.91
C PHE A 268 1.04 46.69 -19.47
N LEU A 269 2.05 46.86 -18.61
CA LEU A 269 3.35 47.44 -19.01
C LEU A 269 4.52 46.44 -19.10
N GLY A 270 4.24 45.16 -18.92
CA GLY A 270 5.24 44.10 -19.10
C GLY A 270 5.24 43.54 -20.52
N GLY A 271 4.40 44.07 -21.41
CA GLY A 271 4.27 43.51 -22.76
C GLY A 271 5.34 43.97 -23.73
N THR A 272 5.12 43.66 -25.01
CA THR A 272 6.05 44.07 -26.08
C THR A 272 6.04 45.59 -26.31
N ASP A 273 4.87 46.23 -26.24
CA ASP A 273 4.75 47.70 -26.39
C ASP A 273 4.09 48.35 -25.16
N PRO A 274 4.87 48.51 -24.06
CA PRO A 274 4.39 49.24 -22.88
C PRO A 274 3.84 50.63 -23.20
N ASP A 275 4.64 51.45 -23.90
CA ASP A 275 4.30 52.86 -24.17
C ASP A 275 2.92 53.08 -24.80
N ALA A 276 2.56 52.22 -25.76
CA ALA A 276 1.25 52.31 -26.40
C ALA A 276 0.14 52.05 -25.39
N VAL A 277 0.37 51.12 -24.46
CA VAL A 277 -0.58 50.83 -23.38
C VAL A 277 -0.69 52.03 -22.45
N ARG A 278 0.46 52.54 -22.00
CA ARG A 278 0.48 53.71 -21.11
C ARG A 278 -0.34 54.87 -21.71
N ASN A 279 -0.22 55.08 -23.02
CA ASN A 279 -1.02 56.08 -23.74
C ASN A 279 -2.52 55.83 -23.60
N LEU A 280 -2.96 54.61 -23.89
CA LEU A 280 -4.37 54.27 -23.78
C LEU A 280 -4.88 54.43 -22.35
N LEU A 281 -4.09 53.96 -21.38
CA LEU A 281 -4.44 54.09 -19.95
C LEU A 281 -4.54 55.55 -19.51
N THR A 282 -3.60 56.38 -19.96
CA THR A 282 -3.64 57.82 -19.66
C THR A 282 -4.94 58.48 -20.11
N GLN A 283 -5.48 58.04 -21.24
CA GLN A 283 -6.77 58.52 -21.75
C GLN A 283 -7.94 58.22 -20.79
N TYR A 284 -7.80 57.18 -20.00
CA TYR A 284 -8.76 56.82 -18.96
C TYR A 284 -8.17 56.93 -17.57
N ALA A 285 -7.21 57.83 -17.38
CA ALA A 285 -6.54 57.95 -16.08
C ALA A 285 -7.54 58.33 -14.98
N GLY A 286 -7.36 57.73 -13.81
CA GLY A 286 -8.25 57.93 -12.66
C GLY A 286 -9.55 57.14 -12.66
N LYS A 287 -9.79 56.35 -13.72
CA LYS A 287 -11.06 55.65 -13.86
C LYS A 287 -10.94 54.19 -13.49
N ARG A 288 -12.09 53.54 -13.36
CA ARG A 288 -12.17 52.18 -12.80
C ARG A 288 -12.18 51.09 -13.87
N VAL A 289 -11.20 50.19 -13.79
CA VAL A 289 -11.05 49.06 -14.72
C VAL A 289 -11.67 47.80 -14.13
N THR A 290 -12.42 47.05 -14.95
CA THR A 290 -12.89 45.70 -14.60
C THR A 290 -12.20 44.67 -15.49
N VAL A 291 -11.45 43.75 -14.88
CA VAL A 291 -10.88 42.59 -15.56
C VAL A 291 -11.74 41.37 -15.21
N ALA A 292 -12.41 40.80 -16.22
CA ALA A 292 -13.30 39.65 -16.05
C ALA A 292 -12.68 38.38 -16.63
N TYR A 293 -12.90 37.25 -15.95
CA TYR A 293 -12.40 35.95 -16.42
C TYR A 293 -13.30 34.80 -15.96
N THR A 294 -13.12 33.64 -16.59
CA THR A 294 -13.90 32.46 -16.29
C THR A 294 -13.02 31.28 -15.89
N GLY A 295 -13.59 30.43 -15.04
CA GLY A 295 -12.97 29.17 -14.62
C GLY A 295 -13.99 28.06 -14.58
N ILE A 296 -13.51 26.82 -14.76
CA ILE A 296 -14.35 25.63 -14.77
C ILE A 296 -14.04 24.74 -13.58
N VAL A 297 -15.08 24.33 -12.85
CA VAL A 297 -14.96 23.45 -11.70
C VAL A 297 -14.66 22.04 -12.19
N ASN A 298 -13.58 21.45 -11.69
CA ASN A 298 -13.02 20.21 -12.24
C ASN A 298 -13.10 19.03 -11.26
N GLU A 299 -12.70 17.85 -11.77
CA GLU A 299 -12.74 16.59 -10.99
C GLU A 299 -11.95 16.64 -9.69
N LYS A 300 -10.96 17.53 -9.58
CA LYS A 300 -10.18 17.68 -8.34
C LYS A 300 -10.82 18.62 -7.31
N MET A 301 -11.98 19.17 -7.63
CA MET A 301 -12.83 19.82 -6.64
C MET A 301 -13.50 18.77 -5.76
N ILE A 302 -13.08 18.73 -4.49
CA ILE A 302 -13.51 17.73 -3.53
C ILE A 302 -14.37 18.34 -2.42
N PRO A 303 -15.18 17.51 -1.72
CA PRO A 303 -15.92 18.03 -0.56
C PRO A 303 -15.03 18.18 0.68
N ASP A 304 -15.58 18.80 1.72
CA ASP A 304 -14.87 19.18 2.94
C ASP A 304 -13.65 20.08 2.64
N GLN A 305 -13.80 21.01 1.69
CA GLN A 305 -12.69 21.82 1.16
C GLN A 305 -13.24 23.13 0.62
N LYS A 306 -13.07 24.21 1.38
CA LYS A 306 -13.39 25.55 0.88
C LYS A 306 -12.16 26.07 0.13
N VAL A 307 -12.35 26.55 -1.11
CA VAL A 307 -11.22 27.07 -1.90
C VAL A 307 -11.50 28.49 -2.41
N GLY A 308 -10.61 29.41 -2.04
CA GLY A 308 -10.72 30.80 -2.43
C GLY A 308 -9.56 31.22 -3.31
N ASN A 309 -9.64 32.49 -3.73
CA ASN A 309 -8.59 33.12 -4.53
C ASN A 309 -8.16 34.43 -3.90
N THR A 310 -6.92 34.80 -4.24
CA THR A 310 -6.33 36.08 -3.87
C THR A 310 -5.92 36.82 -5.13
N ALA A 311 -6.25 38.11 -5.20
CA ALA A 311 -5.80 39.00 -6.29
C ALA A 311 -4.89 40.07 -5.72
N GLU A 312 -3.76 40.29 -6.38
CA GLU A 312 -2.74 41.25 -5.97
C GLU A 312 -2.51 42.23 -7.11
N VAL A 313 -2.71 43.52 -6.83
CA VAL A 313 -2.47 44.60 -7.80
C VAL A 313 -1.15 45.28 -7.39
N SER A 314 -0.16 45.27 -8.29
CA SER A 314 1.15 45.88 -8.01
C SER A 314 1.66 46.80 -9.14
N PHE A 315 2.22 47.94 -8.73
CA PHE A 315 2.83 48.91 -9.64
C PHE A 315 4.37 48.88 -9.67
N ASP A 316 5.00 48.30 -8.65
CA ASP A 316 6.45 48.08 -8.59
C ASP A 316 6.69 46.65 -8.10
N PRO A 317 7.95 46.19 -8.09
CA PRO A 317 8.21 44.87 -7.50
C PRO A 317 8.08 44.77 -5.95
N ASP A 318 8.16 45.91 -5.26
CA ASP A 318 8.32 45.96 -3.79
C ASP A 318 7.02 46.17 -3.00
N SER A 319 5.88 46.30 -3.68
CA SER A 319 4.60 46.58 -3.02
C SER A 319 3.41 45.91 -3.75
N LYS A 320 2.27 45.85 -3.07
CA LYS A 320 1.05 45.28 -3.65
C LYS A 320 -0.20 45.64 -2.85
N ILE A 321 -1.35 45.64 -3.52
CA ILE A 321 -2.64 45.79 -2.86
C ILE A 321 -3.39 44.46 -3.04
N THR A 322 -3.68 43.77 -1.93
CA THR A 322 -4.20 42.40 -1.94
C THR A 322 -5.65 42.33 -1.49
N VAL A 323 -6.43 41.52 -2.20
CA VAL A 323 -7.85 41.35 -1.90
C VAL A 323 -8.21 39.87 -2.07
N ASN A 324 -9.05 39.33 -1.17
CA ASN A 324 -9.53 37.94 -1.32
C ASN A 324 -10.93 37.90 -1.90
N GLY A 325 -11.14 36.87 -2.73
CA GLY A 325 -12.43 36.63 -3.34
C GLY A 325 -13.23 35.70 -2.48
N PRO A 326 -14.45 35.33 -2.93
CA PRO A 326 -15.20 34.35 -2.17
C PRO A 326 -14.62 32.94 -2.29
N GLU A 327 -14.98 32.11 -1.31
CA GLU A 327 -14.67 30.69 -1.29
C GLU A 327 -15.80 29.94 -1.98
N ILE A 328 -15.43 28.89 -2.71
CA ILE A 328 -16.40 27.92 -3.26
C ILE A 328 -16.21 26.56 -2.58
N GLN A 329 -17.28 25.76 -2.58
CA GLN A 329 -17.27 24.40 -2.00
C GLN A 329 -18.24 23.51 -2.79
N THR A 330 -18.15 22.19 -2.58
CA THR A 330 -19.00 21.20 -3.28
C THR A 330 -19.44 20.03 -2.40
N GLY A 331 -20.55 19.41 -2.77
CA GLY A 331 -21.09 18.25 -2.04
C GLY A 331 -20.65 16.87 -2.53
N GLY A 332 -20.72 15.90 -1.61
CA GLY A 332 -20.50 14.49 -1.90
C GLY A 332 -21.29 13.58 -0.97
N ILE A 333 -21.22 12.29 -1.24
CA ILE A 333 -21.94 11.27 -0.47
C ILE A 333 -21.21 9.93 -0.55
N ARG A 334 -21.25 9.18 0.57
CA ARG A 334 -20.69 7.83 0.61
C ARG A 334 -21.67 6.75 1.05
N PHE A 335 -21.60 5.60 0.39
CA PHE A 335 -22.44 4.44 0.70
C PHE A 335 -21.62 3.22 1.07
N PHE A 336 -22.28 2.25 1.70
CA PHE A 336 -21.68 0.94 1.96
C PHE A 336 -22.69 -0.19 1.73
N ALA A 337 -22.60 -0.80 0.54
CA ALA A 337 -23.42 -1.95 0.18
C ALA A 337 -22.80 -3.20 0.81
N HIS A 338 -23.60 -3.95 1.58
CA HIS A 338 -23.10 -5.06 2.43
C HIS A 338 -24.13 -6.18 2.57
N GLU A 339 -23.66 -7.32 3.09
CA GLU A 339 -24.50 -8.48 3.36
C GLU A 339 -25.29 -8.26 4.63
N ALA A 340 -26.62 -8.36 4.55
CA ALA A 340 -27.49 -8.21 5.71
C ALA A 340 -27.01 -9.09 6.88
N GLY A 341 -26.89 -8.48 8.06
CA GLY A 341 -26.40 -9.16 9.25
C GLY A 341 -24.89 -9.22 9.44
N SER A 342 -24.11 -8.60 8.55
CA SER A 342 -22.64 -8.58 8.68
C SER A 342 -22.07 -7.30 8.07
N SER A 343 -20.75 -7.21 7.99
CA SER A 343 -20.07 -6.09 7.33
C SER A 343 -19.27 -6.53 6.10
N LYS A 344 -19.63 -7.68 5.52
CA LYS A 344 -19.00 -8.14 4.29
C LYS A 344 -19.29 -7.12 3.19
N SER A 345 -18.25 -6.61 2.55
CA SER A 345 -18.41 -5.64 1.48
C SER A 345 -18.90 -6.37 0.23
N LEU A 346 -19.98 -5.88 -0.36
CA LEU A 346 -20.53 -6.42 -1.60
C LEU A 346 -20.13 -5.55 -2.78
N ALA A 347 -19.26 -6.08 -3.63
CA ALA A 347 -18.90 -5.45 -4.90
C ALA A 347 -19.95 -5.73 -5.96
N ASN A 348 -19.86 -4.98 -7.06
CA ASN A 348 -20.72 -5.17 -8.24
C ASN A 348 -22.24 -5.08 -7.96
N ALA A 349 -22.63 -4.31 -6.95
CA ALA A 349 -24.03 -3.94 -6.73
C ALA A 349 -24.28 -2.70 -7.60
N THR A 350 -25.34 -2.75 -8.41
CA THR A 350 -25.61 -1.75 -9.44
C THR A 350 -26.70 -0.74 -9.03
N PHE A 351 -26.36 0.54 -9.06
CA PHE A 351 -27.23 1.66 -8.66
C PHE A 351 -27.33 2.76 -9.74
N ILE A 352 -28.46 3.49 -9.75
CA ILE A 352 -28.57 4.76 -10.45
C ILE A 352 -28.97 5.87 -9.47
N LEU A 353 -28.55 7.11 -9.78
CA LEU A 353 -28.85 8.28 -8.95
C LEU A 353 -30.06 9.04 -9.48
N GLN A 354 -31.00 9.32 -8.58
CA GLN A 354 -32.27 9.94 -8.91
C GLN A 354 -32.42 11.25 -8.15
N ARG A 355 -33.17 12.18 -8.72
CA ARG A 355 -33.68 13.30 -7.97
C ARG A 355 -35.06 13.68 -8.47
N MET A 356 -35.76 14.44 -7.63
CA MET A 356 -37.05 15.02 -7.99
C MET A 356 -36.87 16.43 -8.52
N ASN A 357 -37.69 16.75 -9.51
CA ASN A 357 -37.72 18.07 -10.09
C ASN A 357 -39.19 18.42 -10.35
N GLY A 358 -39.78 19.18 -9.42
CA GLY A 358 -41.20 19.51 -9.44
C GLY A 358 -42.08 18.30 -9.64
N ASN A 359 -42.03 17.38 -8.68
CA ASN A 359 -42.71 16.07 -8.76
C ASN A 359 -42.57 15.30 -10.10
N VAL A 360 -41.33 15.28 -10.61
CA VAL A 360 -40.93 14.49 -11.79
C VAL A 360 -39.53 13.93 -11.53
N ARG A 361 -39.34 12.67 -11.89
CA ARG A 361 -38.09 11.98 -11.62
C ARG A 361 -37.10 12.20 -12.72
N GLU A 362 -35.87 12.55 -12.34
CA GLU A 362 -34.76 12.68 -13.26
C GLU A 362 -33.65 11.79 -12.76
N TYR A 363 -32.80 11.34 -13.66
CA TYR A 363 -31.72 10.41 -13.31
C TYR A 363 -30.40 10.95 -13.84
N ALA A 364 -29.33 10.71 -13.09
CA ALA A 364 -28.02 11.29 -13.35
C ALA A 364 -27.24 10.58 -14.46
N VAL A 365 -26.51 11.39 -15.23
CA VAL A 365 -25.62 10.93 -16.30
C VAL A 365 -24.25 11.55 -16.08
N LEU A 366 -23.24 10.74 -15.82
CA LEU A 366 -21.92 11.22 -15.38
C LEU A 366 -20.93 11.24 -16.55
N GLU A 367 -20.30 12.38 -16.82
CA GLU A 367 -19.45 12.53 -18.00
C GLU A 367 -18.01 12.05 -17.84
N GLY A 368 -17.47 12.06 -16.63
CA GLY A 368 -16.06 11.72 -16.45
C GLY A 368 -15.58 10.28 -16.60
N VAL A 369 -16.48 9.33 -16.76
CA VAL A 369 -16.24 7.93 -16.30
C VAL A 369 -16.41 6.84 -17.40
N ALA A 373 -13.71 2.61 -10.22
CA ALA A 373 -13.87 1.71 -9.07
C ALA A 373 -15.27 1.92 -8.43
N GLY A 374 -15.36 2.05 -7.10
CA GLY A 374 -16.59 2.52 -6.46
C GLY A 374 -16.57 4.01 -6.21
N THR A 375 -15.44 4.66 -6.49
CA THR A 375 -15.26 6.10 -6.30
C THR A 375 -15.48 6.86 -7.60
N TYR A 376 -16.65 7.48 -7.73
CA TYR A 376 -17.00 8.28 -8.90
C TYR A 376 -16.66 9.76 -8.68
N GLN A 377 -15.91 10.30 -9.65
CA GLN A 377 -15.37 11.68 -9.63
C GLN A 377 -15.55 12.24 -11.04
N PRO A 378 -16.79 12.57 -11.40
CA PRO A 378 -17.05 13.02 -12.77
C PRO A 378 -16.64 14.47 -13.01
N THR A 379 -16.54 14.81 -14.30
CA THR A 379 -16.27 16.13 -14.81
C THR A 379 -17.55 16.93 -15.08
N LYS A 380 -18.68 16.22 -15.18
CA LYS A 380 -20.00 16.85 -15.29
C LYS A 380 -21.12 15.84 -14.98
N ILE A 381 -22.22 16.33 -14.44
CA ILE A 381 -23.42 15.53 -14.16
C ILE A 381 -24.62 16.18 -14.85
N THR A 382 -25.17 15.56 -15.87
CA THR A 382 -26.42 16.01 -16.49
C THR A 382 -27.59 15.13 -16.04
N TRP A 383 -28.82 15.55 -16.35
CA TRP A 383 -30.05 14.89 -15.86
C TRP A 383 -31.04 14.55 -16.98
N THR A 384 -31.58 13.32 -16.95
CA THR A 384 -32.52 12.82 -17.96
C THR A 384 -33.74 12.16 -17.31
N THR A 385 -34.88 12.21 -18.01
CA THR A 385 -36.08 11.48 -17.64
C THR A 385 -36.16 10.12 -18.35
N ASN A 386 -35.16 9.78 -19.17
CA ASN A 386 -35.01 8.42 -19.72
C ASN A 386 -34.14 7.60 -18.77
N GLN A 387 -34.81 6.82 -17.94
CA GLN A 387 -34.16 6.01 -16.90
C GLN A 387 -33.06 5.10 -17.42
N ASP A 388 -33.25 4.51 -18.60
CA ASP A 388 -32.22 3.67 -19.21
C ASP A 388 -30.96 4.43 -19.65
N ALA A 389 -31.04 5.75 -19.86
CA ALA A 389 -29.86 6.56 -20.18
C ALA A 389 -29.02 6.90 -18.96
N ALA A 390 -29.54 6.63 -17.75
CA ALA A 390 -28.82 6.97 -16.50
C ALA A 390 -27.57 6.14 -16.35
N THR A 391 -26.51 6.76 -15.82
CA THR A 391 -25.24 6.07 -15.60
C THR A 391 -25.41 5.02 -14.48
N ARG A 392 -25.08 3.76 -14.82
CA ARG A 392 -25.11 2.67 -13.86
C ARG A 392 -23.85 2.73 -13.02
N LEU A 393 -24.01 2.87 -11.71
CA LEU A 393 -22.90 2.98 -10.77
C LEU A 393 -22.68 1.62 -10.10
N LYS A 394 -21.42 1.19 -10.00
CA LYS A 394 -21.07 -0.11 -9.44
C LYS A 394 -20.25 0.09 -8.16
N THR A 395 -20.49 -0.75 -7.15
CA THR A 395 -19.75 -0.68 -5.89
C THR A 395 -18.45 -1.45 -6.00
N SER A 396 -17.45 -1.03 -5.21
CA SER A 396 -16.21 -1.80 -5.07
C SER A 396 -16.37 -2.86 -3.97
N GLY A 397 -15.29 -3.59 -3.70
CA GLY A 397 -15.21 -4.45 -2.53
C GLY A 397 -14.49 -3.84 -1.35
N ALA A 398 -14.45 -2.52 -1.27
CA ALA A 398 -13.65 -1.82 -0.25
C ALA A 398 -14.26 -1.92 1.14
N GLU A 399 -13.42 -1.67 2.14
CA GLU A 399 -13.73 -1.89 3.57
C GLU A 399 -14.88 -1.02 4.12
N THR A 400 -14.65 0.27 4.31
CA THR A 400 -15.56 1.09 5.13
C THR A 400 -16.70 1.74 4.31
N ALA A 401 -16.43 2.02 3.04
CA ALA A 401 -17.44 2.51 2.12
C ALA A 401 -17.05 2.10 0.69
N ASN A 402 -18.00 1.58 -0.07
CA ASN A 402 -17.71 1.04 -1.40
C ASN A 402 -18.41 1.73 -2.58
N LEU A 403 -19.13 2.82 -2.33
CA LEU A 403 -19.61 3.71 -3.41
C LEU A 403 -19.50 5.16 -2.95
N THR A 404 -18.73 5.96 -3.69
CA THR A 404 -18.47 7.38 -3.41
C THR A 404 -18.87 8.22 -4.65
N ILE A 405 -19.55 9.34 -4.42
CA ILE A 405 -19.85 10.30 -5.49
C ILE A 405 -19.59 11.71 -4.99
N GLN A 406 -19.04 12.57 -5.85
CA GLN A 406 -18.73 13.97 -5.51
C GLN A 406 -19.08 14.93 -6.66
N GLY A 407 -19.03 16.22 -6.36
CA GLY A 407 -19.35 17.28 -7.32
C GLY A 407 -20.84 17.60 -7.43
N LEU A 408 -21.60 17.30 -6.37
CA LEU A 408 -23.05 17.42 -6.40
C LEU A 408 -23.48 18.65 -5.64
N LEU A 409 -24.58 19.25 -6.09
CA LEU A 409 -25.23 20.30 -5.35
C LEU A 409 -25.88 19.75 -4.09
N PRO A 410 -26.05 20.60 -3.05
CA PRO A 410 -26.76 20.15 -1.85
C PRO A 410 -28.26 19.98 -2.10
N GLY A 411 -28.93 19.12 -1.31
CA GLY A 411 -30.35 18.80 -1.54
C GLY A 411 -30.65 17.31 -1.45
N ARG A 412 -31.89 16.96 -1.82
CA ARG A 412 -32.42 15.61 -1.61
C ARG A 412 -32.40 14.73 -2.84
N TYR A 413 -31.87 13.52 -2.68
CA TYR A 413 -31.69 12.56 -3.76
C TYR A 413 -32.23 11.18 -3.34
N THR A 414 -32.14 10.22 -4.26
CA THR A 414 -32.51 8.85 -4.01
C THR A 414 -31.56 7.93 -4.76
N LEU A 415 -30.88 7.03 -4.04
CA LEU A 415 -30.07 5.99 -4.70
C LEU A 415 -30.98 4.81 -4.96
N VAL A 416 -31.08 4.41 -6.23
CA VAL A 416 -31.97 3.32 -6.64
C VAL A 416 -31.11 2.14 -7.06
N GLU A 417 -31.31 0.99 -6.41
CA GLU A 417 -30.60 -0.24 -6.77
C GLU A 417 -31.36 -0.93 -7.89
N THR A 418 -30.69 -1.11 -9.04
CA THR A 418 -31.28 -1.73 -10.22
C THR A 418 -30.81 -3.17 -10.50
N ALA A 419 -29.76 -3.64 -9.82
CA ALA A 419 -29.32 -5.04 -9.87
C ALA A 419 -28.45 -5.40 -8.66
N ALA A 420 -28.87 -6.40 -7.90
CA ALA A 420 -28.08 -6.89 -6.77
C ALA A 420 -26.87 -7.65 -7.28
N PRO A 421 -25.84 -7.80 -6.43
CA PRO A 421 -24.70 -8.63 -6.84
C PRO A 421 -25.08 -10.11 -6.99
N GLU A 422 -24.33 -10.83 -7.82
CA GLU A 422 -24.62 -12.25 -8.06
C GLU A 422 -24.68 -12.97 -6.71
N GLY A 423 -25.76 -13.74 -6.49
CA GLY A 423 -25.94 -14.45 -5.22
C GLY A 423 -26.69 -13.72 -4.12
N TYR A 424 -27.13 -12.49 -4.40
CA TYR A 424 -27.89 -11.71 -3.44
C TYR A 424 -29.18 -11.18 -4.06
N GLU A 425 -30.08 -10.76 -3.19
CA GLU A 425 -31.34 -10.17 -3.60
C GLU A 425 -31.46 -8.82 -2.88
N ILE A 426 -32.13 -7.88 -3.54
CA ILE A 426 -32.33 -6.56 -2.99
C ILE A 426 -33.32 -6.60 -1.84
N LEU A 427 -32.97 -6.01 -0.71
CA LEU A 427 -33.94 -5.73 0.35
C LEU A 427 -34.82 -4.54 -0.07
N ASP A 428 -34.32 -3.30 0.06
CA ASP A 428 -35.05 -2.09 -0.37
C ASP A 428 -34.43 -1.48 -1.62
N PRO A 429 -35.20 -1.36 -2.70
CA PRO A 429 -34.60 -0.81 -3.91
C PRO A 429 -34.14 0.67 -3.78
N THR A 430 -34.88 1.48 -3.02
CA THR A 430 -34.64 2.94 -2.97
C THR A 430 -34.12 3.45 -1.62
N THR A 431 -33.03 4.22 -1.64
CA THR A 431 -32.44 4.84 -0.45
C THR A 431 -32.42 6.39 -0.60
N ASP A 432 -33.38 7.04 0.05
CA ASP A 432 -33.50 8.50 0.09
C ASP A 432 -32.37 9.06 0.96
N PHE A 433 -31.76 10.15 0.51
CA PHE A 433 -30.68 10.76 1.25
C PHE A 433 -30.55 12.25 0.92
N GLU A 434 -29.59 12.90 1.55
CA GLU A 434 -29.40 14.34 1.47
C GLU A 434 -27.90 14.64 1.36
N VAL A 435 -27.53 15.40 0.33
CA VAL A 435 -26.18 15.94 0.22
C VAL A 435 -26.14 17.21 1.07
N ILE A 436 -25.16 17.26 1.98
CA ILE A 436 -24.98 18.43 2.86
C ILE A 436 -23.93 19.35 2.24
N ALA A 437 -24.24 20.65 2.22
CA ALA A 437 -23.43 21.67 1.51
C ALA A 437 -21.95 21.66 1.91
N GLY A 438 -21.08 21.40 0.94
CA GLY A 438 -19.65 21.36 1.17
C GLY A 438 -19.09 20.22 2.00
N THR A 439 -19.86 19.15 2.20
CA THR A 439 -19.38 17.97 2.95
C THR A 439 -19.79 16.65 2.32
N TRP A 440 -19.17 15.58 2.81
CA TRP A 440 -19.57 14.22 2.46
C TRP A 440 -20.87 13.77 3.13
N GLY A 441 -21.35 14.52 4.12
CA GLY A 441 -22.63 14.26 4.77
C GLY A 441 -22.42 13.80 6.20
N THR A 442 -23.54 13.63 6.90
CA THR A 442 -23.57 13.12 8.28
C THR A 442 -22.77 11.82 8.49
N LYS A 443 -23.10 10.77 7.75
CA LYS A 443 -22.46 9.44 7.92
C LYS A 443 -22.41 8.71 6.59
N THR A 444 -21.61 7.65 6.49
CA THR A 444 -21.68 6.77 5.33
C THR A 444 -22.98 5.98 5.44
N ILE A 445 -23.76 5.92 4.35
CA ILE A 445 -25.09 5.28 4.36
C ILE A 445 -24.95 3.79 4.08
N ARG A 446 -25.42 2.93 5.00
CA ARG A 446 -25.37 1.48 4.79
C ARG A 446 -26.58 0.95 4.03
N ILE A 447 -26.34 0.14 2.99
CA ILE A 447 -27.38 -0.52 2.23
C ILE A 447 -27.19 -2.06 2.31
N ALA A 448 -28.21 -2.77 2.80
CA ALA A 448 -28.13 -4.22 3.04
C ALA A 448 -28.75 -5.01 1.87
N ASN A 449 -28.05 -6.06 1.43
CA ASN A 449 -28.54 -7.02 0.45
C ASN A 449 -28.55 -8.46 1.03
N THR A 450 -29.67 -9.16 0.92
CA THR A 450 -29.82 -10.51 1.52
C THR A 450 -29.24 -11.61 0.61
N PRO A 451 -28.38 -12.49 1.16
CA PRO A 451 -27.88 -13.63 0.38
C PRO A 451 -28.94 -14.73 0.10
N VAL A 452 -28.69 -15.52 -0.94
CA VAL A 452 -29.40 -16.80 -1.20
C VAL A 452 -28.42 -17.99 -1.07
N THR B 8 -21.31 -77.82 17.74
CA THR B 8 -22.50 -77.23 18.45
C THR B 8 -22.12 -75.84 19.01
N THR B 9 -21.48 -75.73 20.18
CA THR B 9 -21.26 -74.40 20.82
C THR B 9 -20.16 -73.60 20.13
N THR B 10 -20.21 -72.28 20.27
CA THR B 10 -19.34 -71.36 19.53
C THR B 10 -18.52 -70.42 20.39
N VAL B 11 -17.58 -69.74 19.72
CA VAL B 11 -16.70 -68.73 20.30
C VAL B 11 -16.60 -67.49 19.38
N ASP B 12 -16.43 -66.30 19.97
CA ASP B 12 -16.18 -65.04 19.22
C ASP B 12 -14.73 -64.55 19.37
N PHE B 13 -14.19 -63.97 18.29
CA PHE B 13 -12.89 -63.30 18.32
C PHE B 13 -13.06 -61.83 17.98
N THR B 14 -12.82 -60.91 18.93
CA THR B 14 -12.84 -59.47 18.64
C THR B 14 -11.40 -58.93 18.54
N LEU B 15 -11.02 -58.45 17.36
CA LEU B 15 -9.65 -57.97 17.08
C LEU B 15 -9.51 -56.46 17.30
N HIS B 16 -8.36 -56.06 17.84
CA HIS B 16 -8.01 -54.65 18.05
C HIS B 16 -6.68 -54.35 17.34
N LYS B 17 -6.78 -53.92 16.07
CA LYS B 17 -5.60 -53.55 15.29
C LYS B 17 -4.98 -52.26 15.83
N ILE B 18 -3.66 -52.27 15.99
CA ILE B 18 -2.90 -51.18 16.62
C ILE B 18 -1.51 -50.97 16.01
N GLU B 19 -1.06 -49.71 16.06
CA GLU B 19 0.18 -49.29 15.45
C GLU B 19 1.36 -49.68 16.33
N GLN B 20 2.46 -50.09 15.70
CA GLN B 20 3.70 -50.45 16.38
C GLN B 20 4.86 -49.62 15.80
N THR B 21 5.59 -48.93 16.66
CA THR B 21 6.76 -48.14 16.25
C THR B 21 8.06 -48.59 16.92
N SER B 22 8.02 -49.73 17.61
CA SER B 22 9.16 -50.24 18.36
C SER B 22 9.03 -51.75 18.63
N ASP B 23 10.09 -52.31 19.19
CA ASP B 23 10.15 -53.72 19.51
C ASP B 23 9.34 -54.00 20.78
N GLU B 24 8.55 -55.07 20.74
CA GLU B 24 7.69 -55.47 21.86
C GLU B 24 7.21 -56.92 21.74
N GLN B 25 8.02 -57.86 22.24
CA GLN B 25 7.65 -59.27 22.32
C GLN B 25 6.56 -59.40 23.40
N ILE B 26 5.31 -59.49 22.96
CA ILE B 26 4.14 -59.44 23.85
C ILE B 26 3.21 -60.64 23.57
N GLN B 27 2.85 -61.36 24.64
CA GLN B 27 1.87 -62.45 24.58
C GLN B 27 0.44 -61.91 24.36
N ASN B 28 -0.35 -62.62 23.57
CA ASN B 28 -1.80 -62.39 23.51
C ASN B 28 -2.43 -63.07 24.73
N THR B 29 -2.97 -62.28 25.66
CA THR B 29 -3.71 -62.78 26.83
C THR B 29 -5.00 -63.46 26.41
N GLY B 30 -5.73 -62.85 25.47
CA GLY B 30 -7.08 -63.24 25.12
C GLY B 30 -8.13 -62.43 25.87
N HIS B 31 -7.73 -61.73 26.94
CA HIS B 31 -8.65 -60.95 27.76
C HIS B 31 -8.74 -59.52 27.22
N ASP B 32 -9.86 -58.87 27.54
CA ASP B 32 -10.16 -57.51 27.09
C ASP B 32 -9.34 -56.51 27.90
N LEU B 33 -8.46 -55.77 27.23
CA LEU B 33 -7.53 -54.86 27.91
C LEU B 33 -8.06 -53.42 28.10
N GLY B 34 -9.25 -53.12 27.60
CA GLY B 34 -9.88 -51.81 27.78
C GLY B 34 -9.13 -50.70 27.06
N LEU B 35 -9.24 -49.48 27.59
CA LEU B 35 -8.54 -48.31 27.02
C LEU B 35 -7.02 -48.44 27.21
N THR B 36 -6.34 -48.96 26.20
CA THR B 36 -4.88 -49.11 26.22
C THR B 36 -4.12 -47.83 25.81
N GLY B 37 -4.80 -46.87 25.19
CA GLY B 37 -4.18 -45.60 24.80
C GLY B 37 -3.16 -45.76 23.69
N ARG B 38 -3.50 -46.56 22.68
CA ARG B 38 -2.64 -46.84 21.54
C ARG B 38 -3.33 -46.51 20.24
N LYS B 39 -2.57 -46.11 19.23
CA LYS B 39 -3.18 -45.63 18.02
C LYS B 39 -3.76 -46.81 17.28
N PRO B 40 -5.07 -46.76 16.98
CA PRO B 40 -5.67 -47.81 16.18
C PRO B 40 -5.34 -47.64 14.70
N VAL B 41 -5.43 -48.72 13.96
CA VAL B 41 -5.17 -48.74 12.52
C VAL B 41 -6.42 -49.19 11.83
N GLN B 42 -6.87 -48.45 10.83
CA GLN B 42 -8.12 -48.72 10.09
C GLN B 42 -7.81 -49.36 8.73
N GLY B 43 -8.78 -50.05 8.16
CA GLY B 43 -8.63 -50.66 6.84
C GLY B 43 -7.74 -51.88 6.69
N ALA B 44 -7.40 -52.56 7.80
CA ALA B 44 -6.73 -53.85 7.72
C ALA B 44 -7.76 -54.95 7.48
N GLN B 45 -7.61 -55.67 6.37
CA GLN B 45 -8.51 -56.79 6.02
C GLN B 45 -7.99 -58.12 6.61
N PHE B 46 -8.77 -58.73 7.52
CA PHE B 46 -8.39 -60.00 8.17
C PHE B 46 -9.24 -61.17 7.70
N LYS B 47 -8.58 -62.29 7.44
CA LYS B 47 -9.23 -63.56 7.11
C LYS B 47 -8.94 -64.58 8.22
N ILE B 48 -9.92 -65.44 8.48
CA ILE B 48 -9.80 -66.52 9.49
C ILE B 48 -9.87 -67.89 8.82
N PHE B 49 -9.08 -68.84 9.32
CA PHE B 49 -9.09 -70.23 8.81
C PHE B 49 -9.13 -71.23 9.96
N ASN B 50 -9.94 -72.28 9.83
CA ASN B 50 -9.96 -73.42 10.77
C ASN B 50 -8.79 -74.33 10.42
N VAL B 51 -7.82 -74.42 11.32
CA VAL B 51 -6.59 -75.23 11.11
C VAL B 51 -6.52 -76.43 12.07
N THR B 52 -7.67 -76.80 12.62
CA THR B 52 -7.73 -77.81 13.69
C THR B 52 -7.11 -79.14 13.27
N ASP B 53 -7.56 -79.66 12.12
CA ASP B 53 -6.99 -80.89 11.56
C ASP B 53 -5.47 -80.80 11.31
N ALA B 54 -5.02 -79.76 10.63
CA ALA B 54 -3.59 -79.63 10.31
C ALA B 54 -2.73 -79.54 11.56
N PHE B 55 -3.22 -78.79 12.56
CA PHE B 55 -2.53 -78.63 13.86
C PHE B 55 -2.32 -79.96 14.59
N TYR B 56 -3.40 -80.71 14.73
CA TYR B 56 -3.34 -81.99 15.45
C TYR B 56 -2.52 -83.04 14.71
N GLN B 57 -2.49 -82.99 13.38
CA GLN B 57 -1.58 -83.84 12.59
C GLN B 57 -0.11 -83.58 12.92
N LEU B 58 0.28 -82.31 12.99
CA LEU B 58 1.64 -81.93 13.40
C LEU B 58 1.94 -82.34 14.84
N LEU B 59 0.91 -82.24 15.68
CA LEU B 59 1.03 -82.52 17.11
C LEU B 59 1.44 -83.98 17.44
N GLU B 60 1.39 -84.85 16.44
CA GLU B 60 1.91 -86.21 16.59
C GLU B 60 3.43 -86.28 16.60
N ASN B 61 4.08 -85.41 15.85
CA ASN B 61 5.55 -85.40 15.75
C ASN B 61 6.22 -84.22 16.46
N HIS B 62 5.47 -83.16 16.75
CA HIS B 62 6.04 -81.93 17.33
C HIS B 62 5.22 -81.51 18.52
N ASP B 63 5.82 -80.71 19.40
CA ASP B 63 5.13 -80.19 20.58
C ASP B 63 4.19 -79.03 20.19
N LYS B 64 3.43 -78.55 21.17
CA LYS B 64 2.43 -77.49 20.98
C LYS B 64 3.02 -76.21 20.36
N THR B 65 4.16 -75.76 20.89
CA THR B 65 4.84 -74.56 20.39
C THR B 65 5.29 -74.72 18.95
N THR B 66 6.04 -75.78 18.68
CA THR B 66 6.55 -76.03 17.34
C THR B 66 5.43 -76.19 16.29
N ALA B 67 4.30 -76.79 16.68
CA ALA B 67 3.17 -76.95 15.77
C ALA B 67 2.60 -75.62 15.31
N ALA B 68 2.28 -74.76 16.28
CA ALA B 68 1.75 -73.42 16.01
C ALA B 68 2.75 -72.54 15.25
N SER B 69 4.03 -72.69 15.59
CA SER B 69 5.11 -72.00 14.88
C SER B 69 5.19 -72.41 13.40
N MET B 70 5.10 -73.72 13.12
CA MET B 70 5.16 -74.19 11.74
C MET B 70 4.02 -73.62 10.88
N ILE B 71 2.82 -73.51 11.46
CA ILE B 71 1.66 -72.95 10.77
C ILE B 71 1.78 -71.43 10.58
N SER B 72 2.32 -70.71 11.57
CA SER B 72 2.57 -69.25 11.45
C SER B 72 3.54 -68.92 10.33
N GLN B 73 4.61 -69.70 10.22
CA GLN B 73 5.65 -69.52 9.21
C GLN B 73 5.21 -69.83 7.78
N ASN B 74 4.30 -70.79 7.60
CA ASN B 74 3.80 -71.10 6.26
C ASN B 74 2.29 -71.35 6.24
N LEU B 75 1.49 -70.38 6.65
CA LEU B 75 0.03 -70.58 6.69
C LEU B 75 -0.57 -71.04 5.34
N GLY B 76 -0.09 -70.48 4.24
CA GLY B 76 -0.58 -70.85 2.89
C GLY B 76 -0.24 -72.25 2.40
N GLN B 77 0.75 -72.87 3.06
CA GLN B 77 1.02 -74.30 2.91
C GLN B 77 -0.12 -75.16 3.50
N TYR B 78 -0.63 -74.77 4.67
CA TYR B 78 -1.66 -75.54 5.37
C TYR B 78 -3.10 -75.16 5.00
N VAL B 79 -3.35 -73.97 4.45
CA VAL B 79 -4.69 -73.58 3.95
C VAL B 79 -4.61 -72.89 2.59
N ASN B 80 -5.73 -72.89 1.87
CA ASN B 80 -5.85 -72.10 0.64
C ASN B 80 -6.18 -70.65 1.02
N LEU B 81 -5.18 -69.79 0.95
CA LEU B 81 -5.32 -68.38 1.33
C LEU B 81 -6.43 -67.63 0.57
N GLN B 82 -6.63 -67.97 -0.71
CA GLN B 82 -7.62 -67.31 -1.55
C GLN B 82 -8.94 -68.10 -1.55
N ASP B 83 -9.41 -68.46 -0.37
CA ASP B 83 -10.64 -69.22 -0.21
C ASP B 83 -11.81 -68.25 -0.15
N PRO B 84 -12.81 -68.39 -1.07
CA PRO B 84 -14.00 -67.52 -1.02
C PRO B 84 -14.85 -67.71 0.24
N ASN B 85 -14.92 -68.94 0.77
CA ASN B 85 -15.63 -69.22 2.02
C ASN B 85 -15.03 -68.51 3.23
N ALA B 86 -13.69 -68.45 3.30
CA ALA B 86 -12.97 -67.87 4.45
C ALA B 86 -13.55 -66.52 4.86
N ALA B 87 -14.04 -66.44 6.10
CA ALA B 87 -14.71 -65.24 6.60
C ALA B 87 -13.71 -64.08 6.60
N THR B 88 -14.15 -62.92 6.12
CA THR B 88 -13.30 -61.73 5.98
C THR B 88 -13.98 -60.52 6.64
N VAL B 89 -13.29 -59.88 7.58
CA VAL B 89 -13.76 -58.63 8.20
C VAL B 89 -12.63 -57.60 8.09
N THR B 90 -12.99 -56.36 7.79
CA THR B 90 -12.03 -55.26 7.66
C THR B 90 -12.13 -54.35 8.88
N THR B 91 -10.98 -53.86 9.33
CA THR B 91 -10.87 -53.18 10.61
C THR B 91 -11.40 -51.73 10.47
N ASP B 92 -12.21 -51.28 11.43
CA ASP B 92 -12.88 -49.98 11.35
C ASP B 92 -11.97 -48.84 11.88
N ALA B 93 -12.55 -47.65 12.09
CA ALA B 93 -11.81 -46.49 12.59
C ALA B 93 -11.26 -46.63 14.03
N ASP B 94 -11.89 -47.46 14.86
CA ASP B 94 -11.35 -47.81 16.18
C ASP B 94 -10.39 -49.02 16.17
N GLY B 95 -10.06 -49.51 14.99
CA GLY B 95 -9.25 -50.71 14.85
C GLY B 95 -9.98 -52.01 15.15
N LEU B 96 -11.31 -52.00 15.06
CA LEU B 96 -12.20 -53.13 15.47
C LEU B 96 -12.62 -54.02 14.31
N ALA B 97 -12.54 -55.35 14.51
CA ALA B 97 -13.00 -56.35 13.53
C ALA B 97 -13.37 -57.64 14.26
N ALA B 98 -14.66 -57.90 14.39
CA ALA B 98 -15.16 -59.09 15.11
C ALA B 98 -15.48 -60.24 14.15
N PHE B 99 -14.89 -61.42 14.41
CA PHE B 99 -15.32 -62.70 13.78
C PHE B 99 -16.25 -63.43 14.77
N LYS B 100 -17.53 -63.56 14.43
CA LYS B 100 -18.52 -64.11 15.38
C LYS B 100 -18.99 -65.53 15.04
N GLY B 101 -19.32 -66.28 16.08
CA GLY B 101 -19.99 -67.58 15.98
C GLY B 101 -19.18 -68.72 15.39
N LEU B 102 -17.94 -68.87 15.84
CA LEU B 102 -17.08 -69.97 15.35
C LEU B 102 -17.14 -71.22 16.21
N ALA B 103 -17.13 -72.38 15.55
CA ALA B 103 -17.25 -73.67 16.24
C ALA B 103 -16.16 -73.88 17.28
N ALA B 104 -16.57 -74.02 18.54
CA ALA B 104 -15.63 -74.32 19.64
C ALA B 104 -14.91 -75.67 19.48
N LYS B 105 -15.52 -76.61 18.76
CA LYS B 105 -14.95 -77.94 18.51
C LYS B 105 -15.02 -78.30 17.04
N THR B 106 -14.00 -79.05 16.57
CA THR B 106 -13.87 -79.48 15.17
C THR B 106 -13.37 -80.94 15.11
N ASN B 107 -14.19 -81.86 14.57
CA ASN B 107 -13.83 -83.29 14.45
C ASN B 107 -13.33 -83.87 15.78
N GLY B 108 -14.09 -83.63 16.85
CA GLY B 108 -13.79 -84.19 18.18
C GLY B 108 -12.73 -83.49 19.04
N ARG B 109 -12.14 -82.39 18.54
CA ARG B 109 -11.06 -81.68 19.21
C ARG B 109 -11.51 -80.25 19.47
N HIS B 110 -10.91 -79.57 20.46
CA HIS B 110 -11.11 -78.13 20.59
C HIS B 110 -10.51 -77.48 19.34
N SER B 111 -11.22 -76.53 18.78
CA SER B 111 -10.84 -75.87 17.51
C SER B 111 -9.54 -75.07 17.59
N VAL B 112 -8.83 -75.07 16.46
CA VAL B 112 -7.68 -74.18 16.28
C VAL B 112 -7.95 -73.23 15.09
N TYR B 113 -7.83 -71.93 15.33
CA TYR B 113 -8.06 -70.90 14.31
C TYR B 113 -6.78 -70.10 14.02
N ALA B 114 -6.55 -69.85 12.72
CA ALA B 114 -5.43 -69.05 12.22
C ALA B 114 -5.96 -67.72 11.64
N PHE B 115 -5.23 -66.63 11.89
CA PHE B 115 -5.60 -65.28 11.44
C PHE B 115 -4.53 -64.68 10.52
N HIS B 116 -4.97 -64.14 9.38
CA HIS B 116 -4.09 -63.64 8.33
C HIS B 116 -4.54 -62.25 7.85
N GLU B 117 -3.70 -61.24 8.05
CA GLU B 117 -3.96 -59.90 7.50
C GLU B 117 -3.73 -59.93 5.97
N ALA B 118 -4.82 -59.86 5.21
CA ALA B 118 -4.76 -59.99 3.74
C ALA B 118 -4.47 -58.68 3.01
N VAL B 119 -4.93 -57.56 3.56
CA VAL B 119 -4.62 -56.26 2.99
C VAL B 119 -4.22 -55.33 4.12
N THR B 120 -3.04 -54.73 3.99
CA THR B 120 -2.45 -53.89 5.01
C THR B 120 -2.44 -52.43 4.55
N PRO B 121 -3.04 -51.52 5.33
CA PRO B 121 -3.07 -50.10 4.92
C PRO B 121 -1.69 -49.48 4.86
N GLN B 122 -1.54 -48.46 4.00
CA GLN B 122 -0.32 -47.67 3.91
C GLN B 122 -0.22 -46.73 5.11
N PRO B 123 0.97 -46.53 5.67
CA PRO B 123 2.25 -47.14 5.27
C PRO B 123 2.70 -48.18 6.30
N TYR B 124 1.84 -49.16 6.55
CA TYR B 124 2.10 -50.19 7.56
C TYR B 124 2.63 -51.48 6.96
N GLN B 125 3.40 -52.21 7.76
CA GLN B 125 3.68 -53.63 7.52
C GLN B 125 2.71 -54.49 8.32
N LYS B 126 2.32 -55.60 7.71
CA LYS B 126 1.32 -56.53 8.28
C LYS B 126 1.72 -57.14 9.63
N ALA B 127 0.71 -57.45 10.43
CA ALA B 127 0.88 -58.32 11.62
C ALA B 127 1.27 -59.76 11.23
N ALA B 128 2.08 -60.38 12.08
CA ALA B 128 2.31 -61.85 12.03
C ALA B 128 1.00 -62.64 11.99
N ASP B 129 0.99 -63.70 11.17
CA ASP B 129 -0.14 -64.62 11.16
C ASP B 129 -0.20 -65.34 12.50
N MET B 130 -1.26 -65.09 13.28
CA MET B 130 -1.40 -65.64 14.63
C MET B 130 -2.31 -66.88 14.69
N ILE B 131 -2.00 -67.76 15.65
CA ILE B 131 -2.72 -69.03 15.87
C ILE B 131 -3.33 -69.01 17.26
N VAL B 132 -4.62 -69.34 17.37
CA VAL B 132 -5.27 -69.53 18.68
C VAL B 132 -5.80 -70.97 18.76
N SER B 133 -5.38 -71.71 19.78
CA SER B 133 -5.87 -73.06 20.06
C SER B 133 -6.77 -73.05 21.30
N LEU B 134 -8.04 -73.40 21.11
CA LEU B 134 -8.99 -73.46 22.22
C LEU B 134 -8.69 -74.68 23.11
N PRO B 135 -9.10 -74.65 24.38
CA PRO B 135 -9.74 -73.49 25.02
C PRO B 135 -8.71 -72.48 25.50
N VAL B 136 -9.14 -71.24 25.67
CA VAL B 136 -8.30 -70.27 26.35
C VAL B 136 -8.98 -70.11 27.70
N ARG B 137 -8.28 -70.57 28.73
CA ARG B 137 -8.92 -70.76 30.02
C ARG B 137 -8.44 -69.68 30.98
N GLN B 138 -9.40 -69.09 31.69
CA GLN B 138 -9.15 -68.09 32.70
C GLN B 138 -8.53 -68.72 33.94
N ASP B 139 -7.77 -67.93 34.69
CA ASP B 139 -7.13 -68.40 35.93
C ASP B 139 -8.14 -68.90 37.01
N ASP B 140 -9.42 -68.51 36.90
CA ASP B 140 -10.49 -69.08 37.74
C ASP B 140 -11.09 -70.40 37.21
N GLY B 141 -10.48 -71.00 36.17
CA GLY B 141 -10.94 -72.27 35.64
C GLY B 141 -12.25 -72.13 34.88
N SER B 142 -12.27 -71.21 33.93
CA SER B 142 -13.47 -70.87 33.17
C SER B 142 -13.06 -70.51 31.76
N ASP B 143 -13.79 -71.02 30.76
CA ASP B 143 -13.42 -70.78 29.35
C ASP B 143 -13.90 -69.41 28.83
N LEU B 144 -13.07 -68.73 28.04
CA LEU B 144 -13.53 -67.48 27.41
C LEU B 144 -14.42 -67.79 26.22
N THR B 145 -15.58 -67.13 26.14
CA THR B 145 -16.47 -67.20 24.98
C THR B 145 -16.19 -66.06 23.98
N ASN B 146 -15.62 -64.95 24.47
CA ASN B 146 -15.11 -63.88 23.61
C ASN B 146 -13.62 -63.66 23.84
N ILE B 147 -12.84 -63.91 22.80
CA ILE B 147 -11.38 -63.87 22.84
C ILE B 147 -10.87 -62.58 22.15
N HIS B 148 -10.20 -61.73 22.91
CA HIS B 148 -9.74 -60.41 22.45
C HIS B 148 -8.27 -60.46 22.01
N LEU B 149 -8.04 -60.15 20.73
CA LEU B 149 -6.68 -60.07 20.16
C LEU B 149 -6.24 -58.62 19.87
N TYR B 150 -4.94 -58.37 20.08
CA TYR B 150 -4.30 -57.08 19.77
C TYR B 150 -3.16 -57.23 18.74
N PRO B 151 -3.49 -57.54 17.47
CA PRO B 151 -2.47 -57.66 16.42
C PRO B 151 -1.84 -56.30 16.09
N LYS B 152 -0.57 -56.33 15.65
CA LYS B 152 0.22 -55.12 15.56
C LYS B 152 0.72 -54.86 14.14
N ASP B 153 0.51 -53.63 13.67
CA ASP B 153 1.00 -53.16 12.37
C ASP B 153 2.19 -52.25 12.58
N SER B 154 3.34 -52.63 12.04
CA SER B 154 4.56 -51.85 12.19
C SER B 154 4.59 -50.70 11.17
N LEU B 155 4.65 -49.47 11.68
CA LEU B 155 4.60 -48.27 10.82
C LEU B 155 5.95 -47.97 10.15
N VAL B 156 5.98 -47.91 8.83
CA VAL B 156 7.19 -47.50 8.11
C VAL B 156 7.28 -45.98 8.25
N THR B 157 8.45 -45.48 8.62
CA THR B 157 8.67 -44.04 8.78
C THR B 157 9.96 -43.52 8.18
N LYS B 158 9.93 -42.23 7.81
CA LYS B 158 11.12 -41.48 7.38
C LYS B 158 11.11 -40.12 8.04
N ASN B 159 12.19 -39.79 8.74
CA ASN B 159 12.38 -38.45 9.29
C ASN B 159 13.75 -37.87 8.92
N LEU B 160 13.84 -36.53 8.98
CA LEU B 160 15.12 -35.83 9.04
C LEU B 160 15.44 -35.68 10.51
N THR B 161 16.54 -36.29 10.95
CA THR B 161 16.87 -36.40 12.38
C THR B 161 17.94 -35.43 12.86
N GLU B 162 18.94 -35.14 12.03
CA GLU B 162 20.00 -34.19 12.38
C GLU B 162 20.38 -33.24 11.25
N ILE B 163 20.90 -32.07 11.62
CA ILE B 163 21.53 -31.13 10.67
C ILE B 163 22.87 -30.77 11.26
N ASN B 164 23.94 -31.02 10.49
CA ASN B 164 25.32 -30.83 10.97
C ASN B 164 25.54 -31.49 12.35
N GLU B 165 25.16 -32.77 12.44
CA GLU B 165 25.35 -33.60 13.65
C GLU B 165 24.61 -33.12 14.93
N GLN B 166 23.63 -32.22 14.81
CA GLN B 166 22.83 -31.75 15.94
C GLN B 166 21.42 -32.23 15.72
N ALA B 167 20.78 -32.73 16.78
CA ALA B 167 19.37 -33.09 16.74
C ALA B 167 18.53 -31.86 16.36
N VAL B 168 17.54 -32.09 15.50
CA VAL B 168 16.54 -31.08 15.16
C VAL B 168 15.19 -31.60 15.59
N ALA B 169 14.31 -30.72 16.00
CA ALA B 169 12.94 -31.11 16.32
C ALA B 169 12.26 -31.51 15.01
N THR B 170 11.42 -32.54 15.07
CA THR B 170 10.79 -33.06 13.88
C THR B 170 9.65 -32.15 13.42
N LYS B 171 9.63 -31.89 12.11
CA LYS B 171 8.57 -31.11 11.50
C LYS B 171 8.55 -31.35 9.99
N ASP B 172 7.51 -30.87 9.32
CA ASP B 172 7.32 -31.12 7.90
C ASP B 172 8.17 -30.22 7.00
N LEU B 173 8.61 -29.07 7.49
CA LEU B 173 9.38 -28.11 6.69
C LEU B 173 10.59 -27.59 7.45
N HIS B 174 11.77 -27.75 6.87
CA HIS B 174 13.04 -27.32 7.47
C HIS B 174 13.73 -26.25 6.63
N ASP B 175 14.37 -25.29 7.29
CA ASP B 175 15.18 -24.26 6.62
C ASP B 175 16.63 -24.71 6.68
N VAL B 176 17.28 -24.77 5.52
CA VAL B 176 18.68 -25.18 5.43
C VAL B 176 19.56 -24.08 4.83
N ALA B 177 20.84 -24.18 5.17
CA ALA B 177 21.91 -23.37 4.56
C ALA B 177 22.68 -24.25 3.57
N VAL B 178 23.29 -23.63 2.57
CA VAL B 178 24.06 -24.34 1.57
C VAL B 178 25.32 -24.92 2.24
N GLY B 179 25.61 -26.18 1.93
CA GLY B 179 26.68 -26.95 2.57
C GLY B 179 26.32 -27.62 3.88
N ASP B 180 25.06 -27.54 4.30
CA ASP B 180 24.60 -28.26 5.50
C ASP B 180 24.59 -29.76 5.21
N VAL B 181 25.00 -30.56 6.20
CA VAL B 181 24.87 -32.02 6.13
C VAL B 181 23.58 -32.44 6.86
N LEU B 182 22.72 -33.15 6.15
CA LEU B 182 21.43 -33.58 6.68
C LEU B 182 21.45 -35.10 6.94
N THR B 183 21.10 -35.51 8.16
CA THR B 183 20.93 -36.95 8.50
C THR B 183 19.46 -37.34 8.44
N TYR B 184 19.17 -38.34 7.60
CA TYR B 184 17.84 -38.91 7.46
C TYR B 184 17.84 -40.33 8.06
N GLN B 185 16.67 -40.82 8.42
CA GLN B 185 16.51 -42.20 8.94
C GLN B 185 15.26 -42.83 8.40
N VAL B 186 15.40 -43.98 7.74
CA VAL B 186 14.25 -44.77 7.33
C VAL B 186 14.14 -45.99 8.26
N GLN B 187 12.94 -46.18 8.81
CA GLN B 187 12.66 -47.28 9.73
C GLN B 187 11.61 -48.24 9.17
N PHE B 188 11.85 -49.53 9.39
CA PHE B 188 10.96 -50.60 8.94
C PHE B 188 11.24 -51.90 9.72
N GLN B 189 10.35 -52.88 9.57
CA GLN B 189 10.36 -54.14 10.32
C GLN B 189 10.98 -55.26 9.47
N ILE B 190 11.87 -56.06 10.06
CA ILE B 190 12.31 -57.33 9.45
C ILE B 190 11.11 -58.28 9.59
N PRO B 191 10.64 -58.89 8.48
CA PRO B 191 9.50 -59.81 8.59
C PRO B 191 9.66 -60.94 9.63
N HIS B 192 8.56 -61.30 10.28
CA HIS B 192 8.57 -62.41 11.28
C HIS B 192 8.95 -63.75 10.64
N ASP B 193 8.71 -63.87 9.34
CA ASP B 193 9.02 -65.07 8.58
C ASP B 193 10.11 -64.89 7.50
N ILE B 194 11.08 -64.00 7.75
CA ILE B 194 12.17 -63.70 6.80
C ILE B 194 12.95 -64.93 6.31
N GLY B 195 13.23 -65.85 7.23
CA GLY B 195 14.02 -67.06 6.95
C GLY B 195 13.24 -68.28 6.50
N ALA B 196 11.91 -68.17 6.43
CA ALA B 196 11.08 -69.29 6.01
C ALA B 196 11.23 -69.59 4.53
N LEU B 197 10.94 -70.85 4.19
CA LEU B 197 10.97 -71.35 2.81
C LEU B 197 9.60 -71.06 2.20
N ALA B 198 9.54 -71.08 0.87
CA ALA B 198 8.27 -70.90 0.17
C ALA B 198 7.29 -72.03 0.51
N ASP B 199 6.00 -71.70 0.47
CA ASP B 199 4.95 -72.67 0.79
C ASP B 199 5.02 -73.81 -0.21
N HIS B 200 5.10 -75.05 0.31
CA HIS B 200 5.41 -76.24 -0.52
C HIS B 200 6.72 -76.07 -1.30
N SER B 201 7.83 -76.09 -0.55
CA SER B 201 9.17 -76.10 -1.16
C SER B 201 10.20 -76.49 -0.10
N GLN B 202 11.13 -77.37 -0.49
CA GLN B 202 12.29 -77.73 0.34
C GLN B 202 13.55 -76.93 -0.05
N ASP B 203 13.54 -76.27 -1.21
CA ASP B 203 14.77 -75.69 -1.80
C ASP B 203 14.69 -74.25 -2.34
N THR B 204 13.66 -73.49 -1.96
CA THR B 204 13.56 -72.06 -2.36
C THR B 204 12.92 -71.18 -1.26
N PHE B 205 13.58 -70.07 -0.93
CA PHE B 205 13.15 -69.23 0.19
C PHE B 205 11.92 -68.39 -0.14
N LYS B 206 11.20 -67.98 0.90
CA LYS B 206 9.97 -67.21 0.74
C LYS B 206 10.27 -65.76 0.33
N TYR B 207 11.35 -65.21 0.88
CA TYR B 207 11.78 -63.86 0.59
C TYR B 207 13.03 -63.89 -0.28
N ASN B 208 12.98 -63.16 -1.41
CA ASN B 208 14.13 -63.03 -2.34
C ASN B 208 14.48 -61.57 -2.71
N GLN B 209 13.96 -60.60 -1.96
CA GLN B 209 14.15 -59.17 -2.26
C GLN B 209 13.67 -58.39 -1.03
N PHE B 210 14.54 -57.58 -0.45
CA PHE B 210 14.20 -56.75 0.70
C PHE B 210 14.82 -55.39 0.40
N LYS B 211 14.08 -54.57 -0.34
CA LYS B 211 14.59 -53.35 -0.98
C LYS B 211 14.10 -52.04 -0.34
N VAL B 212 15.03 -51.09 -0.18
CA VAL B 212 14.72 -49.73 0.24
C VAL B 212 15.19 -48.76 -0.86
N LEU B 213 14.22 -48.09 -1.51
CA LEU B 213 14.45 -47.09 -2.55
C LEU B 213 14.06 -45.72 -1.99
N ASP B 214 15.01 -44.78 -1.99
CA ASP B 214 14.80 -43.42 -1.46
C ASP B 214 15.38 -42.39 -2.45
N TYR B 215 14.60 -41.36 -2.77
CA TYR B 215 14.98 -40.42 -3.84
C TYR B 215 14.32 -39.06 -3.68
N MET B 216 14.85 -38.06 -4.39
CA MET B 216 14.22 -36.73 -4.56
C MET B 216 14.08 -36.46 -6.04
N THR B 217 12.93 -35.92 -6.44
CA THR B 217 12.66 -35.60 -7.85
C THR B 217 13.35 -34.29 -8.29
N LYS B 218 13.51 -33.36 -7.36
CA LYS B 218 14.12 -32.05 -7.62
C LYS B 218 15.55 -31.97 -7.11
N GLU B 219 16.30 -31.04 -7.68
CA GLU B 219 17.72 -30.86 -7.34
C GLU B 219 17.86 -30.06 -6.05
N GLY B 220 19.04 -30.12 -5.45
CA GLY B 220 19.32 -29.43 -4.17
C GLY B 220 20.27 -30.19 -3.23
N LEU B 221 20.28 -31.52 -3.31
CA LEU B 221 21.08 -32.37 -2.42
C LEU B 221 22.01 -33.28 -3.20
N THR B 222 23.19 -33.52 -2.64
CA THR B 222 24.11 -34.50 -3.16
C THR B 222 24.27 -35.62 -2.12
N PHE B 223 24.18 -36.88 -2.54
CA PHE B 223 24.31 -38.03 -1.63
C PHE B 223 25.70 -38.01 -1.04
N LYS B 224 25.79 -38.11 0.29
CA LYS B 224 27.08 -38.16 0.98
C LYS B 224 27.46 -39.59 1.31
N ALA B 225 26.71 -40.21 2.20
CA ALA B 225 27.11 -41.52 2.75
C ALA B 225 25.98 -42.25 3.44
N LEU B 226 26.07 -43.57 3.42
CA LEU B 226 25.22 -44.44 4.24
C LEU B 226 25.96 -44.61 5.56
N THR B 227 25.35 -44.13 6.64
CA THR B 227 26.06 -43.94 7.91
C THR B 227 25.95 -45.15 8.81
N ALA B 228 24.78 -45.76 8.90
CA ALA B 228 24.57 -46.96 9.72
C ALA B 228 23.32 -47.74 9.33
N ILE B 229 23.34 -49.04 9.66
CA ILE B 229 22.15 -49.88 9.66
C ILE B 229 22.15 -50.55 11.03
N THR B 230 21.08 -50.34 11.81
CA THR B 230 21.03 -50.84 13.19
C THR B 230 19.72 -51.56 13.50
N VAL B 231 19.82 -52.52 14.41
CA VAL B 231 18.65 -53.23 14.91
C VAL B 231 19.00 -53.85 16.26
N ASP B 232 18.06 -53.83 17.20
CA ASP B 232 18.25 -54.43 18.53
C ASP B 232 19.50 -53.88 19.26
N GLY B 233 19.80 -52.61 19.04
CA GLY B 233 20.99 -51.98 19.61
C GLY B 233 22.32 -52.52 19.09
N GLN B 234 22.32 -53.04 17.86
CA GLN B 234 23.52 -53.62 17.23
C GLN B 234 23.71 -53.00 15.85
N ASP B 235 24.95 -52.71 15.48
CA ASP B 235 25.24 -52.19 14.14
C ASP B 235 25.50 -53.32 13.14
N ILE B 236 24.59 -53.41 12.18
CA ILE B 236 24.54 -54.50 11.23
C ILE B 236 25.34 -54.22 9.95
N LEU B 237 25.63 -52.94 9.70
CA LEU B 237 26.16 -52.49 8.39
C LEU B 237 27.49 -53.11 8.04
N LYS B 238 28.42 -53.15 8.99
CA LYS B 238 29.75 -53.73 8.77
C LYS B 238 29.62 -55.17 8.28
N ALA B 239 28.75 -55.95 8.93
CA ALA B 239 28.49 -57.32 8.55
C ALA B 239 27.88 -57.47 7.16
N LEU B 240 26.96 -56.59 6.77
CA LEU B 240 26.25 -56.68 5.48
C LEU B 240 27.06 -56.37 4.22
N THR B 241 28.02 -55.46 4.34
CA THR B 241 28.65 -54.85 3.18
C THR B 241 29.46 -55.89 2.37
N GLY B 242 29.11 -56.03 1.09
CA GLY B 242 29.58 -57.12 0.24
C GLY B 242 28.51 -58.17 0.01
N ASN B 259 16.11 -41.82 -12.99
CA ASN B 259 16.79 -40.57 -13.35
C ASN B 259 16.49 -39.42 -12.37
N TYR B 260 16.32 -39.77 -11.10
CA TYR B 260 16.16 -38.78 -10.04
C TYR B 260 17.55 -38.21 -9.74
N PRO B 261 17.66 -36.90 -9.50
CA PRO B 261 18.98 -36.29 -9.23
C PRO B 261 19.59 -36.59 -7.85
N PHE B 262 18.83 -37.25 -6.96
CA PHE B 262 19.35 -37.68 -5.67
C PHE B 262 18.67 -38.98 -5.26
N GLY B 263 19.40 -39.83 -4.53
CA GLY B 263 18.82 -41.04 -3.96
C GLY B 263 19.72 -42.26 -3.83
N PHE B 264 19.13 -43.33 -3.32
CA PHE B 264 19.82 -44.62 -3.16
C PHE B 264 18.84 -45.79 -3.22
N GLU B 265 19.33 -46.92 -3.72
CA GLU B 265 18.61 -48.19 -3.68
C GLU B 265 19.49 -49.19 -2.95
N LEU B 266 18.93 -49.76 -1.89
CA LEU B 266 19.55 -50.82 -1.11
C LEU B 266 18.69 -52.07 -1.29
N ASP B 267 19.32 -53.24 -1.45
CA ASP B 267 18.61 -54.53 -1.39
C ASP B 267 19.41 -55.55 -0.58
N PHE B 268 18.90 -55.88 0.62
CA PHE B 268 19.53 -56.87 1.49
C PHE B 268 19.72 -58.24 0.78
N LEU B 269 18.75 -58.60 -0.07
CA LEU B 269 18.76 -59.90 -0.76
C LEU B 269 19.08 -59.85 -2.27
N GLY B 270 19.41 -58.66 -2.77
CA GLY B 270 19.86 -58.50 -4.14
C GLY B 270 21.37 -58.61 -4.30
N GLY B 271 22.10 -58.83 -3.19
CA GLY B 271 23.56 -58.85 -3.21
C GLY B 271 24.16 -60.15 -3.70
N THR B 272 25.48 -60.26 -3.57
CA THR B 272 26.23 -61.45 -4.01
C THR B 272 25.92 -62.68 -3.15
N ASP B 273 25.79 -62.51 -1.83
CA ASP B 273 25.42 -63.58 -0.89
C ASP B 273 24.12 -63.25 -0.13
N PRO B 274 22.95 -63.42 -0.80
CA PRO B 274 21.66 -63.23 -0.12
C PRO B 274 21.51 -64.06 1.16
N ASP B 275 21.79 -65.37 1.06
CA ASP B 275 21.57 -66.33 2.16
C ASP B 275 22.23 -65.93 3.47
N ALA B 276 23.46 -65.43 3.41
CA ALA B 276 24.17 -64.96 4.61
C ALA B 276 23.43 -63.79 5.25
N VAL B 277 22.88 -62.90 4.42
CA VAL B 277 22.06 -61.79 4.92
C VAL B 277 20.78 -62.32 5.58
N ARG B 278 20.06 -63.18 4.85
CA ARG B 278 18.83 -63.78 5.37
C ARG B 278 19.05 -64.42 6.75
N ASN B 279 20.20 -65.08 6.93
CA ASN B 279 20.58 -65.64 8.24
C ASN B 279 20.66 -64.58 9.32
N LEU B 280 21.41 -63.51 9.05
CA LEU B 280 21.57 -62.44 10.02
C LEU B 280 20.22 -61.78 10.34
N LEU B 281 19.42 -61.51 9.30
CA LEU B 281 18.08 -60.93 9.48
C LEU B 281 17.16 -61.82 10.31
N THR B 282 17.19 -63.13 10.06
CA THR B 282 16.40 -64.08 10.82
C THR B 282 16.69 -64.03 12.33
N GLN B 283 17.95 -63.78 12.68
CA GLN B 283 18.38 -63.61 14.08
C GLN B 283 17.69 -62.42 14.76
N TYR B 284 17.32 -61.42 13.97
CA TYR B 284 16.59 -60.25 14.44
C TYR B 284 15.20 -60.17 13.82
N ALA B 285 14.60 -61.31 13.50
CA ALA B 285 13.30 -61.32 12.84
C ALA B 285 12.23 -60.67 13.72
N GLY B 286 11.36 -59.90 13.09
CA GLY B 286 10.30 -59.15 13.76
C GLY B 286 10.70 -57.84 14.41
N LYS B 287 11.99 -57.48 14.33
CA LYS B 287 12.50 -56.29 15.01
C LYS B 287 12.65 -55.12 14.04
N ARG B 288 12.87 -53.94 14.60
CA ARG B 288 12.85 -52.69 13.85
C ARG B 288 14.25 -52.26 13.41
N VAL B 289 14.42 -52.08 12.09
CA VAL B 289 15.69 -51.65 11.48
C VAL B 289 15.66 -50.14 11.23
N THR B 290 16.77 -49.47 11.52
CA THR B 290 16.99 -48.07 11.12
C THR B 290 18.12 -48.03 10.09
N VAL B 291 17.81 -47.54 8.88
CA VAL B 291 18.81 -47.24 7.85
C VAL B 291 19.04 -45.73 7.86
N ALA B 292 20.24 -45.31 8.24
CA ALA B 292 20.60 -43.89 8.34
C ALA B 292 21.55 -43.48 7.22
N TYR B 293 21.36 -42.26 6.71
CA TYR B 293 22.23 -41.73 5.65
C TYR B 293 22.33 -40.21 5.72
N THR B 294 23.33 -39.67 5.03
CA THR B 294 23.58 -38.24 4.99
C THR B 294 23.55 -37.69 3.58
N GLY B 295 23.11 -36.44 3.47
CA GLY B 295 23.12 -35.68 2.22
C GLY B 295 23.61 -34.26 2.47
N ILE B 296 24.11 -33.63 1.42
CA ILE B 296 24.76 -32.32 1.51
C ILE B 296 24.02 -31.33 0.61
N VAL B 297 23.64 -30.19 1.18
CA VAL B 297 22.89 -29.15 0.47
C VAL B 297 23.86 -28.43 -0.47
N ASN B 298 23.53 -28.36 -1.76
CA ASN B 298 24.46 -27.92 -2.80
C ASN B 298 24.05 -26.60 -3.47
N GLU B 299 24.93 -26.10 -4.34
CA GLU B 299 24.72 -24.83 -5.05
C GLU B 299 23.43 -24.75 -5.86
N LYS B 300 22.88 -25.90 -6.26
CA LYS B 300 21.61 -25.95 -7.01
C LYS B 300 20.37 -25.94 -6.12
N MET B 301 20.55 -25.90 -4.80
CA MET B 301 19.48 -25.55 -3.88
C MET B 301 19.23 -24.03 -3.94
N ILE B 302 18.06 -23.69 -4.49
CA ILE B 302 17.68 -22.30 -4.77
C ILE B 302 16.50 -21.89 -3.88
N PRO B 303 16.27 -20.57 -3.70
CA PRO B 303 15.07 -20.14 -2.97
C PRO B 303 13.79 -20.26 -3.81
N ASP B 304 12.64 -20.05 -3.16
CA ASP B 304 11.30 -20.26 -3.76
C ASP B 304 11.13 -21.69 -4.30
N GLN B 305 11.62 -22.68 -3.53
CA GLN B 305 11.69 -24.08 -3.98
C GLN B 305 11.71 -25.05 -2.79
N LYS B 306 10.58 -25.67 -2.50
CA LYS B 306 10.52 -26.72 -1.51
C LYS B 306 10.88 -28.07 -2.17
N VAL B 307 11.78 -28.83 -1.57
CA VAL B 307 12.17 -30.15 -2.12
C VAL B 307 12.07 -31.26 -1.06
N GLY B 308 11.32 -32.33 -1.36
CA GLY B 308 11.16 -33.47 -0.44
C GLY B 308 11.69 -34.77 -1.00
N ASN B 309 11.60 -35.84 -0.20
CA ASN B 309 11.97 -37.18 -0.63
C ASN B 309 10.85 -38.19 -0.35
N THR B 310 10.88 -39.29 -1.11
CA THR B 310 9.99 -40.43 -0.93
C THR B 310 10.82 -41.69 -0.75
N ALA B 311 10.44 -42.53 0.22
CA ALA B 311 11.08 -43.83 0.44
C ALA B 311 10.05 -44.94 0.21
N GLU B 312 10.46 -45.97 -0.53
CA GLU B 312 9.61 -47.10 -0.91
C GLU B 312 10.28 -48.39 -0.41
N VAL B 313 9.58 -49.15 0.45
CA VAL B 313 10.04 -50.44 0.96
C VAL B 313 9.30 -51.53 0.18
N SER B 314 10.04 -52.42 -0.49
CA SER B 314 9.42 -53.50 -1.27
C SER B 314 10.06 -54.88 -1.03
N PHE B 315 9.20 -55.90 -0.91
CA PHE B 315 9.63 -57.29 -0.78
C PHE B 315 9.51 -58.13 -2.06
N ASP B 316 8.72 -57.66 -3.03
CA ASP B 316 8.58 -58.29 -4.35
C ASP B 316 8.65 -57.19 -5.40
N PRO B 317 8.67 -57.55 -6.70
CA PRO B 317 8.61 -56.49 -7.72
C PRO B 317 7.23 -55.79 -7.88
N ASP B 318 6.16 -56.43 -7.40
CA ASP B 318 4.78 -56.02 -7.70
C ASP B 318 4.08 -55.15 -6.64
N SER B 319 4.78 -54.85 -5.54
CA SER B 319 4.18 -54.09 -4.42
C SER B 319 5.22 -53.20 -3.72
N LYS B 320 4.72 -52.27 -2.90
CA LYS B 320 5.60 -51.38 -2.13
C LYS B 320 4.87 -50.68 -1.00
N ILE B 321 5.61 -50.28 0.04
CA ILE B 321 5.08 -49.45 1.11
C ILE B 321 5.79 -48.10 1.03
N THR B 322 5.04 -47.03 0.76
CA THR B 322 5.63 -45.69 0.46
C THR B 322 5.40 -44.69 1.57
N VAL B 323 6.44 -43.93 1.87
CA VAL B 323 6.38 -42.91 2.92
C VAL B 323 7.14 -41.66 2.44
N ASN B 324 6.62 -40.47 2.74
CA ASN B 324 7.32 -39.23 2.38
C ASN B 324 8.02 -38.61 3.58
N GLY B 325 9.20 -38.03 3.32
CA GLY B 325 9.97 -37.34 4.33
C GLY B 325 9.59 -35.86 4.30
N PRO B 326 10.22 -35.06 5.17
CA PRO B 326 9.95 -33.65 5.15
C PRO B 326 10.54 -32.94 3.94
N GLU B 327 9.96 -31.78 3.64
CA GLU B 327 10.47 -30.85 2.63
C GLU B 327 11.49 -29.92 3.26
N ILE B 328 12.53 -29.60 2.51
CA ILE B 328 13.51 -28.57 2.90
C ILE B 328 13.43 -27.38 1.95
N GLN B 329 13.82 -26.20 2.43
CA GLN B 329 13.85 -24.95 1.64
C GLN B 329 15.01 -24.05 2.11
N THR B 330 15.33 -23.03 1.32
CA THR B 330 16.45 -22.10 1.64
C THR B 330 16.17 -20.64 1.28
N GLY B 331 16.87 -19.74 1.97
CA GLY B 331 16.73 -18.29 1.77
C GLY B 331 17.70 -17.64 0.79
N GLY B 332 17.29 -16.49 0.26
CA GLY B 332 18.13 -15.63 -0.58
C GLY B 332 17.77 -14.16 -0.42
N ILE B 333 18.57 -13.30 -1.05
CA ILE B 333 18.37 -11.85 -1.01
C ILE B 333 19.00 -11.18 -2.24
N ARG B 334 18.38 -10.10 -2.71
CA ARG B 334 18.89 -9.31 -3.83
C ARG B 334 19.05 -7.82 -3.51
N PHE B 335 20.14 -7.22 -3.99
CA PHE B 335 20.43 -5.80 -3.80
C PHE B 335 20.59 -5.06 -5.13
N PHE B 336 20.48 -3.74 -5.07
CA PHE B 336 20.80 -2.88 -6.23
C PHE B 336 21.57 -1.62 -5.80
N ALA B 337 22.89 -1.69 -5.97
CA ALA B 337 23.77 -0.55 -5.69
C ALA B 337 23.75 0.39 -6.89
N HIS B 338 23.45 1.67 -6.64
CA HIS B 338 23.21 2.68 -7.70
C HIS B 338 23.65 4.08 -7.31
N GLU B 339 23.68 4.98 -8.30
CA GLU B 339 24.04 6.38 -8.08
C GLU B 339 22.87 7.13 -7.49
N ALA B 340 23.08 7.79 -6.34
CA ALA B 340 22.04 8.61 -5.71
C ALA B 340 21.42 9.58 -6.72
N GLY B 341 20.10 9.60 -6.79
CA GLY B 341 19.36 10.44 -7.75
C GLY B 341 19.18 9.89 -9.16
N SER B 342 19.55 8.63 -9.39
CA SER B 342 19.31 7.97 -10.68
C SER B 342 19.20 6.45 -10.49
N SER B 343 19.12 5.69 -11.58
CA SER B 343 19.16 4.23 -11.54
C SER B 343 20.36 3.65 -12.27
N LYS B 344 21.42 4.44 -12.39
CA LYS B 344 22.68 3.97 -12.99
C LYS B 344 23.21 2.84 -12.10
N SER B 345 23.47 1.69 -12.69
CA SER B 345 24.00 0.55 -11.94
C SER B 345 25.48 0.81 -11.64
N LEU B 346 25.84 0.70 -10.36
CA LEU B 346 27.22 0.86 -9.91
C LEU B 346 27.86 -0.51 -9.69
N ALA B 347 28.81 -0.84 -10.56
CA ALA B 347 29.62 -2.05 -10.41
C ALA B 347 30.76 -1.81 -9.44
N ASN B 348 31.40 -2.90 -9.03
CA ASN B 348 32.59 -2.87 -8.17
C ASN B 348 32.43 -2.11 -6.83
N ALA B 349 31.20 -2.10 -6.30
CA ALA B 349 30.94 -1.65 -4.93
C ALA B 349 31.16 -2.86 -4.03
N THR B 350 31.98 -2.69 -2.99
CA THR B 350 32.47 -3.79 -2.16
C THR B 350 31.74 -3.87 -0.81
N PHE B 351 31.16 -5.06 -0.55
CA PHE B 351 30.39 -5.34 0.68
C PHE B 351 30.87 -6.61 1.42
N ILE B 352 30.65 -6.66 2.73
CA ILE B 352 30.69 -7.92 3.50
C ILE B 352 29.34 -8.15 4.21
N LEU B 353 29.03 -9.42 4.43
CA LEU B 353 27.77 -9.81 5.10
C LEU B 353 27.97 -10.07 6.59
N GLN B 354 27.13 -9.45 7.40
CA GLN B 354 27.23 -9.50 8.84
C GLN B 354 25.97 -10.11 9.43
N ARG B 355 26.11 -10.76 10.59
CA ARG B 355 24.97 -11.05 11.43
C ARG B 355 25.38 -10.94 12.89
N MET B 356 24.37 -10.81 13.75
CA MET B 356 24.56 -10.86 15.19
C MET B 356 24.29 -12.30 15.70
N ASN B 357 25.08 -12.68 16.69
CA ASN B 357 24.95 -13.97 17.33
C ASN B 357 25.19 -13.76 18.83
N GLY B 358 24.11 -13.66 19.59
CA GLY B 358 24.18 -13.44 21.04
C GLY B 358 25.03 -12.24 21.38
N ASN B 359 24.60 -11.06 20.90
CA ASN B 359 25.34 -9.81 21.00
C ASN B 359 26.86 -9.88 20.62
N VAL B 360 27.15 -10.60 19.52
CA VAL B 360 28.50 -10.68 18.93
C VAL B 360 28.37 -10.67 17.42
N ARG B 361 29.23 -9.90 16.77
CA ARG B 361 29.19 -9.76 15.31
C ARG B 361 29.98 -10.85 14.65
N GLU B 362 29.38 -11.48 13.65
CA GLU B 362 30.02 -12.51 12.85
C GLU B 362 29.89 -12.09 11.41
N TYR B 363 30.83 -12.52 10.58
CA TYR B 363 30.87 -12.14 9.18
C TYR B 363 30.97 -13.37 8.32
N ALA B 364 30.34 -13.32 7.14
CA ALA B 364 30.19 -14.47 6.26
C ALA B 364 31.43 -14.78 5.43
N VAL B 365 31.71 -16.07 5.27
CA VAL B 365 32.81 -16.59 4.44
C VAL B 365 32.23 -17.59 3.46
N LEU B 366 32.32 -17.29 2.17
CA LEU B 366 31.67 -18.06 1.12
C LEU B 366 32.69 -18.96 0.42
N GLU B 367 32.42 -20.27 0.37
CA GLU B 367 33.38 -21.22 -0.17
C GLU B 367 33.36 -21.39 -1.70
N GLY B 368 32.22 -21.16 -2.34
CA GLY B 368 32.11 -21.44 -3.77
C GLY B 368 32.79 -20.50 -4.78
N VAL B 369 33.42 -19.42 -4.34
CA VAL B 369 33.56 -18.21 -5.19
C VAL B 369 35.01 -17.69 -5.42
N ALA B 373 30.75 -12.42 -11.03
CA ALA B 373 29.83 -11.32 -11.24
C ALA B 373 29.25 -10.83 -9.88
N GLY B 374 27.99 -10.42 -9.88
CA GLY B 374 27.29 -10.00 -8.68
C GLY B 374 26.42 -11.08 -8.11
N THR B 375 26.34 -12.22 -8.81
CA THR B 375 25.47 -13.34 -8.43
C THR B 375 26.26 -14.41 -7.68
N TYR B 376 26.13 -14.42 -6.35
CA TYR B 376 26.83 -15.38 -5.50
C TYR B 376 25.93 -16.59 -5.22
N GLN B 377 26.49 -17.78 -5.51
CA GLN B 377 25.84 -19.08 -5.37
C GLN B 377 26.90 -20.03 -4.78
N PRO B 378 27.22 -19.84 -3.48
CA PRO B 378 28.29 -20.60 -2.87
C PRO B 378 27.87 -22.04 -2.54
N THR B 379 28.91 -22.85 -2.30
CA THR B 379 28.80 -24.23 -1.86
C THR B 379 28.78 -24.35 -0.34
N LYS B 380 29.26 -23.32 0.36
CA LYS B 380 29.18 -23.26 1.82
C LYS B 380 29.32 -21.84 2.33
N ILE B 381 28.62 -21.55 3.43
CA ILE B 381 28.72 -20.27 4.13
C ILE B 381 29.07 -20.54 5.59
N THR B 382 30.30 -20.23 5.98
CA THR B 382 30.72 -20.28 7.38
C THR B 382 30.77 -18.86 7.94
N TRP B 383 30.92 -18.76 9.27
CA TRP B 383 30.89 -17.49 9.99
C TRP B 383 32.10 -17.27 10.90
N THR B 384 32.71 -16.09 10.81
CA THR B 384 33.91 -15.72 11.58
C THR B 384 33.75 -14.39 12.29
N THR B 385 34.43 -14.28 13.43
CA THR B 385 34.54 -13.01 14.15
C THR B 385 35.80 -12.23 13.75
N ASN B 386 36.60 -12.76 12.82
CA ASN B 386 37.70 -12.03 12.19
C ASN B 386 37.19 -11.33 10.93
N GLN B 387 36.87 -10.06 11.07
CA GLN B 387 36.29 -9.25 9.99
C GLN B 387 37.08 -9.26 8.67
N ASP B 388 38.39 -9.24 8.76
CA ASP B 388 39.24 -9.31 7.55
C ASP B 388 39.17 -10.69 6.84
N ALA B 389 38.76 -11.75 7.52
CA ALA B 389 38.55 -13.04 6.87
C ALA B 389 37.25 -13.14 6.07
N ALA B 390 36.35 -12.18 6.25
CA ALA B 390 35.05 -12.18 5.58
C ALA B 390 35.20 -12.04 4.08
N THR B 391 34.37 -12.75 3.33
CA THR B 391 34.39 -12.69 1.87
C THR B 391 33.90 -11.34 1.39
N ARG B 392 34.74 -10.67 0.59
CA ARG B 392 34.38 -9.37 0.00
C ARG B 392 33.50 -9.63 -1.23
N LEU B 393 32.28 -9.10 -1.19
CA LEU B 393 31.29 -9.29 -2.26
C LEU B 393 31.31 -8.05 -3.15
N LYS B 394 31.31 -8.26 -4.47
CA LYS B 394 31.39 -7.17 -5.44
C LYS B 394 30.12 -7.14 -6.27
N THR B 395 29.62 -5.94 -6.57
CA THR B 395 28.42 -5.78 -7.40
C THR B 395 28.79 -5.84 -8.87
N SER B 396 27.85 -6.29 -9.69
CA SER B 396 27.98 -6.21 -11.16
C SER B 396 27.48 -4.85 -11.65
N GLY B 397 27.50 -4.67 -12.97
CA GLY B 397 26.83 -3.55 -13.62
C GLY B 397 25.46 -3.87 -14.16
N ALA B 398 24.80 -4.90 -13.62
CA ALA B 398 23.53 -5.38 -14.17
C ALA B 398 22.36 -4.44 -13.89
N GLU B 399 21.30 -4.62 -14.67
CA GLU B 399 20.15 -3.71 -14.72
C GLU B 399 19.34 -3.64 -13.41
N THR B 400 18.59 -4.68 -13.07
CA THR B 400 17.55 -4.59 -12.05
C THR B 400 18.06 -4.87 -10.63
N ALA B 401 19.06 -5.75 -10.53
CA ALA B 401 19.74 -6.05 -9.28
C ALA B 401 21.17 -6.48 -9.60
N ASN B 402 22.13 -5.95 -8.85
CA ASN B 402 23.54 -6.21 -9.16
C ASN B 402 24.32 -6.91 -8.05
N LEU B 403 23.67 -7.32 -6.96
CA LEU B 403 24.25 -8.26 -6.00
C LEU B 403 23.17 -9.24 -5.54
N THR B 404 23.39 -10.54 -5.76
CA THR B 404 22.46 -11.62 -5.36
C THR B 404 23.19 -12.67 -4.52
N ILE B 405 22.57 -13.13 -3.43
CA ILE B 405 23.13 -14.21 -2.60
C ILE B 405 22.04 -15.21 -2.25
N GLN B 406 22.39 -16.49 -2.22
CA GLN B 406 21.45 -17.59 -1.89
C GLN B 406 22.10 -18.62 -0.98
N GLY B 407 21.27 -19.52 -0.45
CA GLY B 407 21.72 -20.54 0.50
C GLY B 407 21.85 -20.07 1.94
N LEU B 408 21.08 -19.04 2.32
CA LEU B 408 21.15 -18.42 3.64
C LEU B 408 20.00 -18.87 4.51
N LEU B 409 20.24 -18.92 5.81
CA LEU B 409 19.16 -19.15 6.77
C LEU B 409 18.31 -17.88 6.87
N PRO B 410 17.04 -18.02 7.28
CA PRO B 410 16.21 -16.84 7.56
C PRO B 410 16.68 -16.07 8.80
N GLY B 411 16.34 -14.78 8.86
CA GLY B 411 16.65 -13.94 10.03
C GLY B 411 17.17 -12.57 9.63
N ARG B 412 17.75 -11.86 10.60
CA ARG B 412 18.21 -10.48 10.42
C ARG B 412 19.71 -10.36 10.19
N TYR B 413 20.06 -9.62 9.14
CA TYR B 413 21.43 -9.44 8.71
C TYR B 413 21.72 -7.96 8.49
N THR B 414 22.97 -7.69 8.14
CA THR B 414 23.41 -6.35 7.83
C THR B 414 24.42 -6.43 6.70
N LEU B 415 24.14 -5.75 5.58
CA LEU B 415 25.11 -5.63 4.49
C LEU B 415 25.96 -4.42 4.81
N VAL B 416 27.27 -4.63 4.91
CA VAL B 416 28.21 -3.59 5.31
C VAL B 416 29.07 -3.23 4.11
N GLU B 417 29.04 -1.97 3.68
CA GLU B 417 29.83 -1.50 2.56
C GLU B 417 31.21 -1.11 3.08
N THR B 418 32.24 -1.77 2.55
CA THR B 418 33.62 -1.54 2.97
C THR B 418 34.46 -0.74 1.95
N ALA B 419 33.97 -0.57 0.71
CA ALA B 419 34.62 0.30 -0.29
C ALA B 419 33.64 0.70 -1.41
N ALA B 420 33.43 2.00 -1.57
CA ALA B 420 32.58 2.51 -2.65
C ALA B 420 33.31 2.35 -3.98
N PRO B 421 32.56 2.35 -5.10
CA PRO B 421 33.22 2.31 -6.40
C PRO B 421 34.02 3.61 -6.69
N GLU B 422 35.03 3.49 -7.56
CA GLU B 422 35.87 4.63 -7.92
C GLU B 422 34.98 5.78 -8.34
N GLY B 423 35.22 6.96 -7.76
CA GLY B 423 34.44 8.16 -8.06
C GLY B 423 33.19 8.41 -7.21
N TYR B 424 32.91 7.52 -6.26
CA TYR B 424 31.76 7.67 -5.38
C TYR B 424 32.16 7.54 -3.93
N GLU B 425 31.27 7.97 -3.05
CA GLU B 425 31.43 7.85 -1.63
C GLU B 425 30.21 7.14 -1.06
N ILE B 426 30.42 6.47 0.06
CA ILE B 426 29.37 5.75 0.75
C ILE B 426 28.40 6.72 1.38
N LEU B 427 27.11 6.51 1.13
CA LEU B 427 26.08 7.21 1.89
C LEU B 427 25.95 6.53 3.26
N ASP B 428 25.31 5.34 3.33
CA ASP B 428 25.18 4.59 4.60
C ASP B 428 26.06 3.34 4.57
N PRO B 429 26.99 3.22 5.53
CA PRO B 429 27.84 2.02 5.50
C PRO B 429 27.07 0.71 5.72
N THR B 430 26.04 0.74 6.57
CA THR B 430 25.27 -0.43 6.97
C THR B 430 23.83 -0.43 6.43
N THR B 431 23.43 -1.55 5.82
CA THR B 431 22.04 -1.79 5.38
C THR B 431 21.48 -3.03 6.11
N ASP B 432 20.65 -2.78 7.13
CA ASP B 432 19.94 -3.83 7.87
C ASP B 432 18.85 -4.43 6.98
N PHE B 433 18.71 -5.75 7.00
CA PHE B 433 17.70 -6.42 6.20
C PHE B 433 17.33 -7.77 6.80
N GLU B 434 16.42 -8.47 6.13
CA GLU B 434 15.85 -9.71 6.63
C GLU B 434 15.72 -10.73 5.50
N VAL B 435 16.29 -11.91 5.70
CA VAL B 435 16.04 -13.03 4.80
C VAL B 435 14.74 -13.68 5.21
N ILE B 436 13.82 -13.84 4.26
CA ILE B 436 12.53 -14.48 4.51
C ILE B 436 12.61 -15.97 4.16
N ALA B 437 12.12 -16.82 5.06
CA ALA B 437 12.28 -18.29 4.97
C ALA B 437 11.81 -18.87 3.64
N GLY B 438 12.74 -19.50 2.91
CA GLY B 438 12.41 -20.12 1.63
C GLY B 438 12.09 -19.18 0.47
N THR B 439 12.43 -17.89 0.57
CA THR B 439 12.20 -16.92 -0.54
C THR B 439 13.36 -15.95 -0.72
N TRP B 440 13.33 -15.24 -1.85
CA TRP B 440 14.26 -14.14 -2.11
C TRP B 440 13.94 -12.87 -1.30
N GLY B 441 12.77 -12.81 -0.68
CA GLY B 441 12.42 -11.71 0.21
C GLY B 441 11.36 -10.81 -0.38
N THR B 442 10.98 -9.81 0.42
CA THR B 442 10.01 -8.78 0.03
C THR B 442 10.29 -8.12 -1.33
N LYS B 443 11.47 -7.53 -1.49
CA LYS B 443 11.82 -6.72 -2.67
C LYS B 443 13.33 -6.74 -2.88
N THR B 444 13.80 -6.30 -4.04
CA THR B 444 15.24 -6.05 -4.19
C THR B 444 15.57 -4.78 -3.39
N ILE B 445 16.59 -4.82 -2.55
CA ILE B 445 16.93 -3.71 -1.65
C ILE B 445 17.86 -2.72 -2.37
N ARG B 446 17.44 -1.46 -2.49
CA ARG B 446 18.26 -0.42 -3.17
C ARG B 446 19.26 0.24 -2.21
N ILE B 447 20.52 0.32 -2.63
CA ILE B 447 21.57 1.02 -1.87
C ILE B 447 22.16 2.15 -2.74
N ALA B 448 22.12 3.40 -2.24
CA ALA B 448 22.62 4.57 -2.98
C ALA B 448 24.04 4.94 -2.59
N ASN B 449 24.86 5.24 -3.60
CA ASN B 449 26.22 5.78 -3.41
C ASN B 449 26.35 7.16 -4.10
N THR B 450 26.83 8.17 -3.35
CA THR B 450 26.85 9.55 -3.83
C THR B 450 28.12 9.83 -4.67
N PRO B 451 27.96 10.40 -5.89
CA PRO B 451 29.17 10.76 -6.68
C PRO B 451 29.92 11.97 -6.11
N VAL B 452 31.25 11.98 -6.30
CA VAL B 452 32.13 13.08 -5.85
C VAL B 452 32.78 13.75 -7.06
N ASN B 453 32.39 15.00 -7.31
CA ASN B 453 32.96 15.80 -8.39
C ASN B 453 33.21 17.21 -7.92
N GLN B 454 34.13 17.32 -6.97
CA GLN B 454 34.54 18.61 -6.39
C GLN B 454 35.15 19.60 -7.39
N LEU B 455 34.78 20.88 -7.26
CA LEU B 455 35.33 21.94 -8.10
C LEU B 455 35.23 23.32 -7.43
N LEU B 456 36.32 24.07 -7.48
CA LEU B 456 36.32 25.49 -7.16
C LEU B 456 36.80 26.29 -8.39
N PRO B 457 36.42 27.57 -8.48
CA PRO B 457 37.00 28.40 -9.54
C PRO B 457 38.45 28.75 -9.28
#